data_9VU6
#
_entry.id   9VU6
#
_cell.length_a   1.00
_cell.length_b   1.00
_cell.length_c   1.00
_cell.angle_alpha   90.00
_cell.angle_beta   90.00
_cell.angle_gamma   90.00
#
_symmetry.space_group_name_H-M   'P 1'
#
loop_
_entity.id
_entity.type
_entity.pdbx_description
1 polymer 'mRNA m(6)A methyltransferase'
2 polymer 'Methyltransferase MT, putative'
3 polymer 'Myb-like DNA-binding domain protein'
4 polymer 'Transmembrane protein, putative'
5 polymer 'DNA (27-MER)'
6 polymer 'DNA (27-MER)'
7 non-polymer S-ADENOSYLMETHIONINE
#
loop_
_entity_poly.entity_id
_entity_poly.type
_entity_poly.pdbx_seq_one_letter_code
_entity_poly.pdbx_strand_id
1 'polypeptide(L)'
;GPEFKLMSKAVNKKGLRPRKSDSILDHIKNKLDQEFLEDNENGEQSDEDYDQKSLNKAKKPYKKRQTQNGSELVISQQKT
KAKASANNKKSAKNSQKLDEEEKIVEEEDLSPQKNGAVSEDDQQQEASTQEDDYLDRLPKSKKGLQGLLQDIEKRILHYK
QLFFKEQNEIANGKRSMVPDNSIPICSDVTKLNFQALIDAQMRHAGKMFDVIMMDPPWQLSSSQPSRGVAIAYDSLSDEK
IQNMPIQSLQQDGFIFVWAINAKYRVTIKMIENWGYKLVDEITWVKKTVNGKIAKGHGFYLQHAKESCLIGVKGDVDNGR
FKKNIASDVIFSERRGQSQKPEEIYQYINQLCPNGNYLEIFARRNNLHDNWVSIGNEL
;
A
2 'polypeptide(L)'
;GPGRPMSQETLAACQSLDKFAHPKKVSPVQKSQIIEEPPLQKKIKPTEPGEDQLSLLLKWRSSYIPPQKPTNEDEYKKII
CKDISSEKLEQHAGDVSALFINIKWKLSEGQSGKSIEDLKKLAISDKLINNGIIFIWSEKEILSQIVDVLEAKGFNYIEN
FMINQLSADKALEMQRKNQNQQSKEKKITDFFKRLTPQKNIWSDITPEQCIEQEKFPPNNYVQDIFVNSEYSFFRKSKKI
LLMLRKFNKDAQLELRHQRTSDIFFDIFEQNKPNDVSKKGMEFVYKMIETLLPKANYSEENKGAFKMMELYADDKSQPRK
GWISVYEQEWSHPQFEKGGGSGGGSGGGSWSHPQFEK
;
B
3 'polypeptide(L)'
;GPGRPSLKKGKFQHNQSKSLWNYTLSPGWREEEVKILKSALQLFGIGKWKKIMESGCLPGKSIGQIYMQTQRLLGQQSLG
DFMGLQIDLEAVFNQNMKKQDVLRKNNCIINTGDNPTKEERKRRIEQNRKIYGLSAKQIAEIKLPKVKKHAPQYMTLEDI
ENEKFTNLEILTHLYNLKAEIVRRLAEQGETIAQPSIIKSLNNLNHNLEQNQNSNSSTETKVTLEQSGKKKYKVLAIEET
ELQNGPIATNSQKKSINGKRKNNRKINSDSEGNEEDISLEDIDSQESEINSEEIVEDDEEDEQIEEPSKIKKRKKNPEQE
SEEDDIEEDQEEDELVVNEEEIFEDDDDDEDNQDSSEDDDDDED
;
C
4 'polypeptide(L)'
;GPEFMKKNGKSQNQPLDFTQYAKNMRKDLSNQDICLEDGALNHSYFLTKKGQYWTPLNQKALQRGIELFGVGNWKEINYD
EFSGKANIVELELRTCMILGINDITEYYGKKISEEEQEEIKKSNIAKGKKENKLKDNIYQKLQQMQ
;
D
5 'polydeoxyribonucleotide'
;(DA)(DG)(DT)(DT)(DA)(DA)(DA)(DG)(DT)(DT)(DA)(DA)(DG)(DA)(DT)(DG)(DT)(DT)(DA)(DA)
(DG)(DA)(DA)(DA)(DG)(DT)(DT)
;
E
6 'polydeoxyribonucleotide'
;(DA)(DA)(DC)(DT)(DT)(DT)(DC)(DT)(DT)(DA)(DA)(DC)(DA)(DT)(DC)(DT)(DT)(DA)(DA)(DC)
(DT)(DT)(DT)(DA)(DA)(DC)(DT)
;
F
#
# COMPACT_ATOMS: atom_id res chain seq x y z
N SER A 141 0.19 14.44 50.10
CA SER A 141 0.80 14.17 48.80
C SER A 141 1.66 15.34 48.34
N LYS A 142 1.84 16.32 49.23
CA LYS A 142 2.63 17.50 48.88
C LYS A 142 4.11 17.15 48.70
N LYS A 143 4.67 16.41 49.65
CA LYS A 143 6.08 16.05 49.57
C LYS A 143 6.33 15.03 48.45
N GLY A 144 5.40 14.09 48.27
CA GLY A 144 5.56 13.10 47.21
C GLY A 144 5.56 13.71 45.83
N LEU A 145 4.61 14.63 45.57
CA LEU A 145 4.62 15.28 44.27
C LEU A 145 5.67 16.38 44.16
N GLN A 146 6.21 16.87 45.29
CA GLN A 146 7.43 17.66 45.22
C GLN A 146 8.60 16.83 44.73
N GLY A 147 8.71 15.59 45.23
CA GLY A 147 9.71 14.67 44.69
C GLY A 147 9.46 14.34 43.23
N LEU A 148 8.19 14.24 42.84
CA LEU A 148 7.85 14.07 41.43
C LEU A 148 8.26 15.28 40.61
N LEU A 149 8.13 16.47 41.17
CA LEU A 149 8.61 17.69 40.51
C LEU A 149 10.12 17.65 40.33
N GLN A 150 10.85 17.19 41.34
CA GLN A 150 12.30 17.03 41.19
C GLN A 150 12.62 16.00 40.11
N ASP A 151 11.81 14.93 40.05
CA ASP A 151 11.98 13.91 39.02
C ASP A 151 11.80 14.51 37.63
N ILE A 152 10.75 15.30 37.43
CA ILE A 152 10.53 15.83 36.09
C ILE A 152 11.51 16.97 35.79
N GLU A 153 12.12 17.56 36.81
CA GLU A 153 13.22 18.49 36.53
C GLU A 153 14.46 17.75 36.06
N LYS A 154 14.73 16.58 36.65
CA LYS A 154 15.77 15.72 36.10
C LYS A 154 15.43 15.32 34.66
N ARG A 155 14.14 15.13 34.39
CA ARG A 155 13.68 14.89 33.02
C ARG A 155 13.96 16.09 32.12
N ILE A 156 13.75 17.31 32.63
CA ILE A 156 14.12 18.52 31.89
C ILE A 156 15.59 18.45 31.51
N LEU A 157 16.44 18.11 32.48
CA LEU A 157 17.88 18.11 32.21
C LEU A 157 18.25 17.06 31.15
N HIS A 158 17.74 15.83 31.32
CA HIS A 158 18.05 14.76 30.39
C HIS A 158 17.53 15.06 28.99
N TYR A 159 16.28 15.50 28.88
CA TYR A 159 15.67 15.70 27.58
C TYR A 159 16.24 16.92 26.87
N LYS A 160 16.51 18.00 27.61
CA LYS A 160 17.15 19.15 27.00
C LYS A 160 18.54 18.78 26.50
N GLN A 161 19.29 17.99 27.26
CA GLN A 161 20.60 17.54 26.78
C GLN A 161 20.47 16.68 25.53
N LEU A 162 19.49 15.77 25.51
CA LEU A 162 19.31 14.89 24.35
C LEU A 162 18.97 15.69 23.10
N PHE A 163 18.01 16.62 23.21
CA PHE A 163 17.63 17.40 22.04
C PHE A 163 18.72 18.37 21.62
N PHE A 164 19.46 18.93 22.57
CA PHE A 164 20.57 19.80 22.20
C PHE A 164 21.64 19.04 21.46
N LYS A 165 21.93 17.81 21.90
CA LYS A 165 22.91 16.97 21.19
C LYS A 165 22.42 16.65 19.78
N GLU A 166 21.15 16.27 19.65
CA GLU A 166 20.65 15.91 18.33
C GLU A 166 20.59 17.12 17.40
N GLN A 167 20.22 18.29 17.93
CA GLN A 167 20.18 19.49 17.11
C GLN A 167 21.58 19.96 16.73
N ASN A 168 22.55 19.79 17.62
CA ASN A 168 23.92 20.13 17.28
C ASN A 168 24.46 19.21 16.20
N GLU A 169 24.07 17.92 16.25
CA GLU A 169 24.40 17.01 15.15
C GLU A 169 23.69 17.44 13.86
N ILE A 170 22.46 17.96 13.96
CA ILE A 170 21.74 18.46 12.80
C ILE A 170 22.50 19.61 12.15
N ALA A 171 22.89 20.59 12.96
CA ALA A 171 23.62 21.76 12.45
C ALA A 171 25.01 21.37 11.97
N ASN A 172 25.59 20.30 12.52
CA ASN A 172 26.86 19.79 12.04
C ASN A 172 26.76 19.18 10.65
N GLY A 173 25.54 18.91 10.16
CA GLY A 173 25.36 18.37 8.82
C GLY A 173 24.93 16.93 8.80
N LYS A 174 24.10 16.53 9.77
CA LYS A 174 23.57 15.18 9.78
C LYS A 174 22.63 14.97 8.60
N ARG A 175 22.76 13.82 7.95
CA ARG A 175 21.97 13.50 6.77
C ARG A 175 20.79 12.62 7.15
N SER A 176 19.61 13.00 6.69
CA SER A 176 18.40 12.23 6.92
C SER A 176 18.40 10.99 6.03
N MET A 177 17.38 10.14 6.22
CA MET A 177 17.25 8.94 5.41
C MET A 177 16.87 9.24 3.97
N VAL A 178 16.45 10.47 3.67
CA VAL A 178 16.04 10.88 2.33
C VAL A 178 17.26 10.96 1.42
N PRO A 179 17.11 10.63 0.13
CA PRO A 179 18.23 10.75 -0.80
C PRO A 179 18.28 12.11 -1.46
N ASP A 180 19.49 12.50 -1.87
CA ASP A 180 19.73 13.85 -2.38
C ASP A 180 19.06 14.11 -3.72
N ASN A 181 18.66 13.08 -4.44
CA ASN A 181 18.04 13.24 -5.76
C ASN A 181 16.51 13.17 -5.71
N SER A 182 15.92 13.57 -4.58
CA SER A 182 14.48 13.54 -4.42
C SER A 182 13.90 14.90 -4.77
N ILE A 183 12.84 14.92 -5.56
CA ILE A 183 12.20 16.19 -5.91
C ILE A 183 10.83 16.23 -5.24
N PRO A 184 10.70 16.91 -4.12
CA PRO A 184 9.40 16.97 -3.43
C PRO A 184 8.58 18.18 -3.80
N ILE A 185 7.26 18.07 -3.69
CA ILE A 185 6.35 19.21 -3.80
C ILE A 185 5.31 19.10 -2.69
N CYS A 186 5.16 20.18 -1.93
CA CYS A 186 4.19 20.27 -0.83
C CYS A 186 3.10 21.25 -1.26
N SER A 187 2.09 20.72 -1.96
CA SER A 187 0.95 21.51 -2.38
C SER A 187 -0.19 20.57 -2.74
N ASP A 188 -1.42 21.04 -2.55
CA ASP A 188 -2.60 20.23 -2.83
C ASP A 188 -2.70 19.91 -4.31
N VAL A 189 -3.07 18.66 -4.61
CA VAL A 189 -3.06 18.20 -6.00
C VAL A 189 -4.17 18.88 -6.79
N THR A 190 -5.34 19.06 -6.18
CA THR A 190 -6.43 19.77 -6.84
C THR A 190 -6.19 21.28 -6.91
N LYS A 191 -5.17 21.79 -6.21
CA LYS A 191 -4.89 23.22 -6.17
C LYS A 191 -3.76 23.63 -7.09
N LEU A 192 -2.70 22.82 -7.19
CA LEU A 192 -1.56 23.17 -8.02
C LEU A 192 -1.92 23.10 -9.50
N ASN A 193 -1.17 23.85 -10.31
CA ASN A 193 -1.33 23.82 -11.75
C ASN A 193 -0.21 22.96 -12.34
N PHE A 194 -0.61 21.94 -13.11
CA PHE A 194 0.34 20.97 -13.63
C PHE A 194 1.03 21.41 -14.90
N GLN A 195 0.59 22.52 -15.50
CA GLN A 195 1.27 23.05 -16.68
C GLN A 195 2.69 23.50 -16.35
N ALA A 196 2.87 24.05 -15.15
CA ALA A 196 4.21 24.43 -14.69
C ALA A 196 5.11 23.21 -14.59
N LEU A 197 4.57 22.10 -14.05
CA LEU A 197 5.33 20.85 -14.04
C LEU A 197 5.66 20.41 -15.46
N ILE A 198 4.70 20.58 -16.38
CA ILE A 198 4.89 20.12 -17.75
C ILE A 198 6.05 20.86 -18.42
N ASP A 199 6.05 22.19 -18.36
CA ASP A 199 7.12 22.87 -19.10
C ASP A 199 8.42 22.84 -18.33
N ALA A 200 8.38 22.72 -17.00
CA ALA A 200 9.62 22.51 -16.25
C ALA A 200 10.28 21.19 -16.64
N GLN A 201 9.48 20.13 -16.76
CA GLN A 201 10.03 18.84 -17.17
C GLN A 201 10.53 18.88 -18.61
N MET A 202 9.79 19.55 -19.50
CA MET A 202 10.22 19.65 -20.89
C MET A 202 11.49 20.49 -21.02
N ARG A 203 11.67 21.49 -20.17
CA ARG A 203 12.87 22.31 -20.21
C ARG A 203 14.07 21.58 -19.65
N HIS A 204 13.89 20.85 -18.55
CA HIS A 204 15.02 20.25 -17.84
C HIS A 204 15.37 18.85 -18.31
N ALA A 205 14.49 18.18 -19.05
CA ALA A 205 14.79 16.82 -19.50
C ALA A 205 14.52 16.65 -20.99
N GLY A 206 13.55 17.39 -21.53
CA GLY A 206 13.18 17.27 -22.93
C GLY A 206 12.17 16.18 -23.23
N LYS A 207 11.81 15.36 -22.25
CA LYS A 207 10.81 14.33 -22.41
C LYS A 207 9.77 14.47 -21.31
N MET A 208 8.74 13.64 -21.37
CA MET A 208 7.69 13.69 -20.37
C MET A 208 7.93 12.58 -19.35
N PHE A 209 7.02 12.45 -18.38
CA PHE A 209 7.19 11.46 -17.33
C PHE A 209 7.07 10.05 -17.90
N ASP A 210 7.77 9.12 -17.26
CA ASP A 210 7.73 7.72 -17.66
C ASP A 210 6.70 6.91 -16.89
N VAL A 211 6.58 7.15 -15.59
CA VAL A 211 5.63 6.45 -14.73
C VAL A 211 4.94 7.47 -13.84
N ILE A 212 3.61 7.42 -13.79
CA ILE A 212 2.84 8.24 -12.87
C ILE A 212 2.25 7.28 -11.84
N MET A 213 2.84 7.25 -10.65
CA MET A 213 2.25 6.50 -9.56
C MET A 213 1.17 7.32 -8.87
N MET A 214 0.19 6.61 -8.31
CA MET A 214 -0.78 7.24 -7.44
C MET A 214 -1.38 6.19 -6.52
N ASP A 215 -1.50 6.53 -5.24
CA ASP A 215 -2.19 5.72 -4.25
C ASP A 215 -3.25 6.63 -3.65
N PRO A 216 -4.42 6.71 -4.29
CA PRO A 216 -5.35 7.80 -3.98
C PRO A 216 -5.90 7.67 -2.58
N PRO A 217 -6.24 8.79 -1.93
CA PRO A 217 -6.95 8.75 -0.64
C PRO A 217 -8.44 8.48 -0.85
N TRP A 218 -8.76 7.19 -1.00
CA TRP A 218 -10.07 6.77 -1.46
C TRP A 218 -11.16 7.19 -0.48
N GLN A 219 -12.35 7.45 -1.03
CA GLN A 219 -13.50 7.79 -0.22
C GLN A 219 -14.22 6.52 0.20
N LEU A 220 -14.25 6.25 1.50
CA LEU A 220 -14.92 5.08 2.04
C LEU A 220 -15.65 5.38 3.34
N ASP A 234 -7.79 13.95 2.81
CA ASP A 234 -7.71 12.49 2.87
C ASP A 234 -8.97 11.86 2.30
N SER A 235 -9.97 12.69 2.02
CA SER A 235 -11.26 12.18 1.53
C SER A 235 -11.32 12.16 0.00
N LEU A 236 -11.17 13.32 -0.62
CA LEU A 236 -11.23 13.50 -2.09
C LEU A 236 -12.59 12.97 -2.57
N SER A 237 -12.66 12.39 -3.75
CA SER A 237 -13.88 11.83 -4.31
C SER A 237 -13.49 10.86 -5.42
N ASP A 238 -14.47 10.41 -6.20
CA ASP A 238 -14.21 9.61 -7.38
C ASP A 238 -14.50 10.39 -8.66
N GLU A 239 -14.56 11.70 -8.58
CA GLU A 239 -14.61 12.59 -9.73
C GLU A 239 -13.45 13.57 -9.75
N LYS A 240 -13.05 14.08 -8.58
CA LYS A 240 -11.91 14.97 -8.50
C LYS A 240 -10.61 14.26 -8.85
N ILE A 241 -10.54 12.95 -8.58
CA ILE A 241 -9.35 12.19 -8.97
C ILE A 241 -9.26 12.10 -10.48
N GLN A 242 -10.39 11.88 -11.16
CA GLN A 242 -10.35 11.77 -12.62
C GLN A 242 -10.14 13.12 -13.28
N ASN A 243 -10.75 14.18 -12.73
CA ASN A 243 -10.75 15.47 -13.41
C ASN A 243 -9.37 16.10 -13.50
N MET A 244 -8.45 15.74 -12.61
CA MET A 244 -7.12 16.30 -12.66
C MET A 244 -6.37 15.80 -13.91
N PRO A 245 -5.49 16.63 -14.48
CA PRO A 245 -4.88 16.31 -15.79
C PRO A 245 -3.73 15.30 -15.78
N ILE A 246 -4.06 14.01 -15.82
CA ILE A 246 -3.03 13.00 -16.02
C ILE A 246 -2.69 12.86 -17.49
N GLN A 247 -3.70 12.98 -18.37
CA GLN A 247 -3.48 12.76 -19.80
C GLN A 247 -2.52 13.78 -20.41
N SER A 248 -2.33 14.94 -19.78
CA SER A 248 -1.32 15.89 -20.21
C SER A 248 0.01 15.70 -19.50
N LEU A 249 -0.02 15.19 -18.27
CA LEU A 249 1.22 14.94 -17.53
C LEU A 249 2.05 13.83 -18.15
N GLN A 250 1.44 12.99 -18.99
CA GLN A 250 2.14 11.86 -19.60
C GLN A 250 1.79 11.79 -21.08
N GLN A 251 2.72 11.29 -21.85
CA GLN A 251 2.51 11.07 -23.28
C GLN A 251 2.70 9.63 -23.69
N ASP A 252 3.72 8.96 -23.16
CA ASP A 252 3.99 7.55 -23.50
C ASP A 252 4.62 6.92 -22.26
N GLY A 253 3.83 6.18 -21.49
CA GLY A 253 4.35 5.59 -20.27
C GLY A 253 3.43 4.62 -19.56
N PHE A 254 3.40 4.70 -18.22
CA PHE A 254 2.64 3.81 -17.38
C PHE A 254 1.94 4.60 -16.29
N ILE A 255 0.90 4.00 -15.70
CA ILE A 255 0.27 4.53 -14.51
C ILE A 255 -0.09 3.38 -13.59
N PHE A 256 0.23 3.54 -12.30
CA PHE A 256 -0.06 2.58 -11.25
C PHE A 256 -1.09 3.21 -10.33
N VAL A 257 -2.31 2.71 -10.33
CA VAL A 257 -3.35 3.23 -9.44
C VAL A 257 -3.68 2.15 -8.43
N TRP A 258 -3.42 2.42 -7.16
CA TRP A 258 -3.68 1.44 -6.10
C TRP A 258 -5.15 1.52 -5.72
N ALA A 259 -5.81 0.36 -5.70
CA ALA A 259 -7.23 0.28 -5.41
C ALA A 259 -7.50 -0.77 -4.35
N ILE A 260 -8.53 -0.49 -3.57
CA ILE A 260 -9.10 -1.43 -2.62
C ILE A 260 -10.16 -2.24 -3.34
N ASN A 261 -10.61 -3.34 -2.73
CA ASN A 261 -11.64 -4.17 -3.35
C ASN A 261 -12.96 -3.45 -3.51
N ALA A 262 -13.19 -2.38 -2.76
CA ALA A 262 -14.42 -1.60 -2.90
C ALA A 262 -14.34 -0.58 -4.03
N LYS A 263 -13.16 -0.36 -4.61
CA LYS A 263 -12.94 0.67 -5.63
C LYS A 263 -12.19 0.09 -6.82
N TYR A 264 -12.68 -1.03 -7.32
CA TYR A 264 -12.06 -1.73 -8.44
C TYR A 264 -12.67 -1.33 -9.79
N ARG A 265 -13.99 -1.44 -9.91
CA ARG A 265 -14.65 -1.08 -11.16
C ARG A 265 -14.49 0.41 -11.46
N VAL A 266 -14.63 1.25 -10.44
CA VAL A 266 -14.49 2.69 -10.66
C VAL A 266 -13.06 3.05 -11.07
N THR A 267 -12.08 2.36 -10.49
CA THR A 267 -10.69 2.60 -10.88
C THR A 267 -10.44 2.16 -12.32
N ILE A 268 -11.01 1.02 -12.73
CA ILE A 268 -10.85 0.58 -14.11
C ILE A 268 -11.47 1.58 -15.07
N LYS A 269 -12.66 2.09 -14.73
CA LYS A 269 -13.29 3.10 -15.57
C LYS A 269 -12.45 4.38 -15.63
N MET A 270 -11.87 4.78 -14.50
CA MET A 270 -11.02 5.97 -14.46
C MET A 270 -9.82 5.81 -15.37
N ILE A 271 -9.13 4.65 -15.27
CA ILE A 271 -7.94 4.43 -16.08
C ILE A 271 -8.30 4.41 -17.56
N GLU A 272 -9.41 3.75 -17.91
CA GLU A 272 -9.81 3.70 -19.31
C GLU A 272 -10.27 5.05 -19.84
N ASN A 273 -10.75 5.93 -18.96
CA ASN A 273 -11.19 7.24 -19.42
C ASN A 273 -10.02 8.14 -19.77
N TRP A 274 -8.91 8.03 -19.03
CA TRP A 274 -7.75 8.90 -19.22
C TRP A 274 -6.98 8.61 -20.50
N GLY A 275 -7.27 7.50 -21.17
CA GLY A 275 -6.55 7.11 -22.37
C GLY A 275 -5.74 5.84 -22.22
N TYR A 276 -5.54 5.36 -21.00
CA TYR A 276 -4.82 4.12 -20.79
C TYR A 276 -5.71 2.92 -21.04
N LYS A 277 -5.09 1.79 -21.33
CA LYS A 277 -5.77 0.52 -21.49
C LYS A 277 -5.26 -0.42 -20.40
N LEU A 278 -6.18 -1.09 -19.71
CA LEU A 278 -5.79 -2.01 -18.64
C LEU A 278 -4.90 -3.11 -19.20
N VAL A 279 -3.76 -3.32 -18.55
CA VAL A 279 -2.74 -4.25 -19.03
C VAL A 279 -2.39 -5.27 -17.95
N ASP A 280 -2.21 -4.81 -16.71
CA ASP A 280 -1.77 -5.68 -15.64
C ASP A 280 -2.29 -5.19 -14.32
N GLU A 281 -2.19 -6.06 -13.31
CA GLU A 281 -2.56 -5.74 -11.94
C GLU A 281 -1.50 -6.35 -11.03
N ILE A 282 -1.05 -5.59 -10.04
CA ILE A 282 -0.14 -6.13 -9.04
C ILE A 282 -0.83 -6.09 -7.68
N THR A 283 -0.63 -7.15 -6.90
CA THR A 283 -1.34 -7.31 -5.64
C THR A 283 -0.36 -7.43 -4.49
N TRP A 284 -0.61 -6.68 -3.44
CA TRP A 284 0.14 -6.78 -2.19
C TRP A 284 -0.56 -7.79 -1.29
N VAL A 285 0.17 -8.83 -0.92
CA VAL A 285 -0.29 -9.87 -0.01
C VAL A 285 0.36 -9.63 1.34
N LYS A 286 -0.46 -9.34 2.34
CA LYS A 286 0.04 -8.98 3.65
C LYS A 286 0.57 -10.22 4.37
N LYS A 287 1.60 -10.01 5.19
CA LYS A 287 2.30 -11.09 5.86
C LYS A 287 2.45 -10.78 7.34
N THR A 288 2.59 -11.83 8.13
CA THR A 288 2.87 -11.70 9.56
C THR A 288 4.37 -11.90 9.80
N VAL A 289 4.78 -11.60 11.04
CA VAL A 289 6.21 -11.66 11.38
C VAL A 289 6.71 -13.10 11.35
N ASN A 290 5.82 -14.08 11.53
CA ASN A 290 6.21 -15.48 11.45
C ASN A 290 6.15 -16.02 10.03
N GLY A 291 5.50 -15.31 9.12
CA GLY A 291 5.42 -15.69 7.72
C GLY A 291 4.06 -16.13 7.25
N LYS A 292 3.08 -16.26 8.16
CA LYS A 292 1.74 -16.63 7.76
C LYS A 292 1.05 -15.44 7.09
N ILE A 293 0.02 -15.75 6.28
CA ILE A 293 -0.77 -14.70 5.65
C ILE A 293 -1.52 -13.92 6.72
N ALA A 294 -1.52 -12.60 6.60
CA ALA A 294 -2.17 -11.72 7.55
C ALA A 294 -3.56 -11.39 7.02
N LYS A 295 -4.54 -12.20 7.41
CA LYS A 295 -5.91 -12.05 6.95
C LYS A 295 -6.72 -11.29 7.99
N GLY A 296 -7.51 -10.31 7.53
CA GLY A 296 -8.30 -9.50 8.43
C GLY A 296 -9.45 -8.84 7.72
N HIS A 297 -10.57 -8.69 8.44
CA HIS A 297 -11.78 -7.99 8.01
C HIS A 297 -12.35 -8.67 6.76
N GLY A 298 -13.22 -7.99 6.03
CA GLY A 298 -13.89 -8.55 4.88
C GLY A 298 -15.37 -8.77 5.14
N PHE A 299 -16.11 -9.00 4.05
CA PHE A 299 -17.53 -9.35 4.12
C PHE A 299 -17.82 -10.73 3.58
N TYR A 300 -17.47 -11.01 2.33
CA TYR A 300 -17.67 -12.35 1.79
C TYR A 300 -16.49 -13.26 2.08
N LEU A 301 -15.29 -12.70 2.19
CA LEU A 301 -14.09 -13.47 2.50
C LEU A 301 -13.25 -12.67 3.48
N GLN A 302 -12.21 -13.31 4.00
CA GLN A 302 -11.27 -12.63 4.89
C GLN A 302 -10.21 -11.95 4.04
N HIS A 303 -10.17 -10.62 4.09
CA HIS A 303 -9.30 -9.86 3.21
C HIS A 303 -7.84 -9.98 3.65
N ALA A 304 -6.96 -10.26 2.70
CA ALA A 304 -5.52 -10.20 2.91
C ALA A 304 -4.82 -9.59 1.71
N LYS A 305 -5.47 -8.66 1.02
CA LYS A 305 -5.10 -8.23 -0.31
C LYS A 305 -5.12 -6.72 -0.44
N GLU A 306 -4.34 -6.22 -1.39
CA GLU A 306 -4.46 -4.85 -1.88
C GLU A 306 -4.14 -4.83 -3.37
N SER A 307 -5.01 -4.26 -4.21
CA SER A 307 -4.76 -4.35 -5.64
C SER A 307 -4.20 -3.03 -6.16
N CYS A 308 -3.61 -3.11 -7.35
CA CYS A 308 -3.20 -1.90 -8.06
C CYS A 308 -3.17 -2.23 -9.54
N LEU A 309 -3.65 -1.30 -10.36
CA LEU A 309 -3.89 -1.54 -11.77
C LEU A 309 -2.97 -0.65 -12.62
N ILE A 310 -2.50 -1.21 -13.72
CA ILE A 310 -1.44 -0.62 -14.53
C ILE A 310 -2.01 -0.28 -15.90
N GLY A 311 -1.98 1.00 -16.25
CA GLY A 311 -2.52 1.47 -17.51
C GLY A 311 -1.42 2.06 -18.38
N VAL A 312 -1.44 1.71 -19.67
CA VAL A 312 -0.42 2.10 -20.62
C VAL A 312 -1.00 3.08 -21.62
N LYS A 313 -0.35 4.23 -21.78
CA LYS A 313 -0.86 5.28 -22.65
C LYS A 313 -0.50 5.03 -24.11
N GLY A 314 0.79 5.05 -24.42
CA GLY A 314 1.26 5.02 -25.79
C GLY A 314 2.23 3.88 -26.03
N ASP A 315 3.16 4.12 -26.96
CA ASP A 315 4.09 3.08 -27.38
C ASP A 315 5.06 2.75 -26.26
N VAL A 316 5.54 1.50 -26.27
CA VAL A 316 6.36 0.97 -25.19
C VAL A 316 7.60 0.31 -25.78
N ASP A 317 7.66 0.19 -27.10
CA ASP A 317 8.77 -0.46 -27.78
C ASP A 317 9.85 0.56 -28.05
N ASN A 318 10.73 0.75 -27.08
CA ASN A 318 11.88 1.65 -27.20
C ASN A 318 12.96 1.18 -26.25
N GLY A 319 13.95 2.04 -25.99
CA GLY A 319 15.06 1.66 -25.14
C GLY A 319 14.65 1.40 -23.70
N ARG A 320 13.73 2.21 -23.18
CA ARG A 320 13.25 2.03 -21.82
C ARG A 320 12.23 0.90 -21.77
N PHE A 321 11.63 0.71 -20.60
CA PHE A 321 10.47 -0.17 -20.40
C PHE A 321 10.80 -1.62 -20.82
N LYS A 322 11.70 -2.21 -20.05
CA LYS A 322 12.05 -3.61 -20.27
C LYS A 322 10.84 -4.51 -20.04
N LYS A 323 10.74 -5.56 -20.85
CA LYS A 323 9.60 -6.48 -20.81
C LYS A 323 9.94 -7.70 -19.98
N ASN A 324 8.89 -8.33 -19.43
CA ASN A 324 8.99 -9.57 -18.66
C ASN A 324 9.92 -9.42 -17.46
N ILE A 325 9.51 -8.54 -16.54
CA ILE A 325 10.30 -8.26 -15.34
C ILE A 325 9.41 -8.35 -14.10
N ALA A 326 10.07 -8.59 -12.95
CA ALA A 326 9.44 -8.60 -11.64
C ALA A 326 8.31 -9.63 -11.54
N SER A 327 7.42 -9.45 -10.57
CA SER A 327 6.26 -10.31 -10.42
C SER A 327 5.10 -9.45 -9.94
N ASP A 328 3.88 -9.89 -10.25
CA ASP A 328 2.70 -9.09 -9.93
C ASP A 328 2.20 -9.31 -8.51
N VAL A 329 2.85 -10.16 -7.72
CA VAL A 329 2.42 -10.43 -6.36
C VAL A 329 3.57 -10.10 -5.41
N ILE A 330 3.31 -9.18 -4.48
CA ILE A 330 4.29 -8.70 -3.52
C ILE A 330 3.89 -9.21 -2.15
N PHE A 331 4.57 -10.25 -1.68
CA PHE A 331 4.30 -10.84 -0.37
C PHE A 331 5.16 -10.12 0.65
N SER A 332 4.53 -9.27 1.48
CA SER A 332 5.33 -8.46 2.38
C SER A 332 4.57 -8.15 3.67
N GLU A 333 5.32 -7.80 4.70
CA GLU A 333 4.75 -7.53 6.00
C GLU A 333 4.03 -6.19 6.02
N ARG A 334 3.12 -6.04 6.98
CA ARG A 334 2.51 -4.75 7.25
C ARG A 334 3.48 -3.88 8.02
N ARG A 335 3.63 -2.64 7.57
CA ARG A 335 4.57 -1.72 8.23
C ARG A 335 3.95 -0.33 8.35
N GLY A 336 2.66 -0.27 8.63
CA GLY A 336 2.00 1.00 8.81
C GLY A 336 0.50 0.86 8.71
N GLN A 337 -0.19 1.95 9.04
CA GLN A 337 -1.65 1.97 8.94
C GLN A 337 -2.09 1.85 7.48
N SER A 338 -1.43 2.59 6.59
CA SER A 338 -1.65 2.45 5.15
C SER A 338 -0.31 2.78 4.48
N GLN A 339 0.49 1.74 4.27
CA GLN A 339 1.86 1.95 3.80
C GLN A 339 2.22 0.79 2.88
N LYS A 340 2.32 1.06 1.58
CA LYS A 340 2.67 0.05 0.61
C LYS A 340 4.13 -0.37 0.79
N PRO A 341 4.49 -1.58 0.35
CA PRO A 341 5.86 -2.06 0.53
C PRO A 341 6.84 -1.29 -0.33
N GLU A 342 8.13 -1.54 -0.08
CA GLU A 342 9.17 -0.96 -0.89
C GLU A 342 9.58 -1.84 -2.06
N GLU A 343 8.99 -3.04 -2.19
CA GLU A 343 9.31 -3.87 -3.34
C GLU A 343 8.72 -3.32 -4.63
N ILE A 344 7.65 -2.53 -4.55
CA ILE A 344 7.04 -1.98 -5.75
C ILE A 344 7.98 -0.99 -6.42
N TYR A 345 8.73 -0.21 -5.63
CA TYR A 345 9.71 0.71 -6.19
C TYR A 345 10.86 -0.03 -6.84
N GLN A 346 11.31 -1.14 -6.25
CA GLN A 346 12.33 -1.96 -6.89
C GLN A 346 11.81 -2.54 -8.20
N TYR A 347 10.55 -2.94 -8.24
CA TYR A 347 9.96 -3.43 -9.48
C TYR A 347 9.88 -2.32 -10.53
N ILE A 348 9.55 -1.10 -10.11
CA ILE A 348 9.50 0.03 -11.03
C ILE A 348 10.88 0.30 -11.61
N ASN A 349 11.91 0.31 -10.76
CA ASN A 349 13.27 0.53 -11.24
C ASN A 349 13.78 -0.64 -12.08
N GLN A 350 13.19 -1.82 -11.92
CA GLN A 350 13.44 -2.90 -12.87
C GLN A 350 12.72 -2.66 -14.19
N LEU A 351 11.59 -1.96 -14.15
CA LEU A 351 10.77 -1.73 -15.34
C LEU A 351 11.34 -0.61 -16.20
N CYS A 352 11.58 0.56 -15.61
CA CYS A 352 12.04 1.74 -16.34
C CYS A 352 13.31 2.27 -15.69
N PRO A 353 14.47 1.71 -16.02
CA PRO A 353 15.72 2.25 -15.48
C PRO A 353 16.03 3.62 -16.08
N ASN A 354 16.57 4.51 -15.24
CA ASN A 354 16.93 5.88 -15.61
C ASN A 354 15.69 6.58 -16.15
N GLY A 355 14.75 6.84 -15.23
CA GLY A 355 13.47 7.41 -15.58
C GLY A 355 13.16 8.64 -14.75
N ASN A 356 12.13 9.36 -15.18
CA ASN A 356 11.63 10.54 -14.49
C ASN A 356 10.23 10.22 -13.98
N TYR A 357 10.16 9.61 -12.80
CA TYR A 357 8.90 9.15 -12.25
C TYR A 357 8.19 10.27 -11.50
N LEU A 358 6.87 10.29 -11.59
CA LEU A 358 6.04 11.21 -10.83
C LEU A 358 5.13 10.39 -9.94
N GLU A 359 5.03 10.79 -8.67
CA GLU A 359 4.19 10.08 -7.72
C GLU A 359 3.26 11.08 -7.05
N ILE A 360 1.97 10.78 -7.07
CA ILE A 360 0.96 11.66 -6.51
C ILE A 360 0.42 11.03 -5.23
N PHE A 361 -0.07 11.88 -4.33
CA PHE A 361 -0.58 11.47 -3.01
C PHE A 361 0.48 10.73 -2.21
N ALA A 362 1.67 11.32 -2.15
CA ALA A 362 2.81 10.69 -1.50
C ALA A 362 2.96 11.16 -0.06
N ARG A 363 3.73 10.39 0.71
CA ARG A 363 4.09 10.72 2.08
C ARG A 363 5.60 10.72 2.20
N ARG A 364 6.09 11.13 3.36
CA ARG A 364 7.55 11.23 3.53
C ARG A 364 8.22 9.89 3.75
N ASN A 365 7.50 8.77 3.63
CA ASN A 365 8.11 7.47 3.90
C ASN A 365 9.03 7.02 2.78
N ASN A 366 8.65 7.26 1.53
CA ASN A 366 9.40 6.72 0.39
C ASN A 366 10.43 7.70 -0.14
N LEU A 367 9.97 8.82 -0.70
CA LEU A 367 10.80 9.93 -1.19
C LEU A 367 12.06 9.51 -1.94
N HIS A 368 11.96 8.55 -2.85
CA HIS A 368 13.15 7.89 -3.40
C HIS A 368 13.95 8.81 -4.33
N ASP A 369 14.98 8.22 -4.91
CA ASP A 369 15.83 8.92 -5.87
C ASP A 369 15.11 9.11 -7.20
N ASN A 370 15.35 10.26 -7.83
CA ASN A 370 14.82 10.63 -9.15
C ASN A 370 13.29 10.66 -9.17
N TRP A 371 12.64 10.75 -8.01
CA TRP A 371 11.19 10.71 -7.94
C TRP A 371 10.65 12.11 -7.68
N VAL A 372 9.64 12.49 -8.43
CA VAL A 372 8.86 13.69 -8.16
C VAL A 372 7.69 13.28 -7.27
N SER A 373 7.56 13.94 -6.13
CA SER A 373 6.85 13.36 -4.98
C SER A 373 5.76 14.30 -4.47
N ILE A 374 4.86 14.68 -5.39
CA ILE A 374 3.72 15.55 -5.05
C ILE A 374 2.97 15.02 -3.84
N GLY A 375 2.71 15.89 -2.89
CA GLY A 375 1.89 15.58 -1.73
C GLY A 375 1.56 16.87 -1.01
N ASN A 376 0.87 16.74 0.11
CA ASN A 376 0.60 17.92 0.94
C ASN A 376 1.22 17.82 2.32
N GLU A 377 0.98 16.74 3.05
CA GLU A 377 1.65 16.56 4.34
C GLU A 377 3.12 16.18 4.18
N LEU A 378 3.54 15.84 2.98
CA LEU A 378 4.95 15.60 2.66
C LEU A 378 5.80 16.83 2.97
N GLU B 48 11.29 -29.56 11.89
CA GLU B 48 9.84 -29.57 12.05
C GLU B 48 9.16 -28.79 10.91
N PRO B 49 7.96 -29.22 10.53
CA PRO B 49 7.24 -28.50 9.47
C PRO B 49 6.79 -27.11 9.86
N GLY B 50 6.75 -26.79 11.15
CA GLY B 50 6.31 -25.46 11.56
C GLY B 50 7.27 -24.37 11.14
N GLU B 51 8.57 -24.62 11.24
CA GLU B 51 9.56 -23.60 10.93
C GLU B 51 9.57 -23.25 9.44
N ASP B 52 9.32 -24.23 8.58
CA ASP B 52 9.31 -23.98 7.14
C ASP B 52 8.20 -23.01 6.77
N GLN B 53 8.50 -22.09 5.86
CA GLN B 53 7.48 -21.17 5.38
C GLN B 53 6.54 -21.84 4.41
N LEU B 54 7.05 -22.74 3.57
CA LEU B 54 6.21 -23.44 2.61
C LEU B 54 5.18 -24.32 3.30
N SER B 55 5.64 -25.19 4.21
CA SER B 55 4.74 -26.14 4.86
C SER B 55 3.82 -25.47 5.86
N LEU B 56 4.18 -24.30 6.36
CA LEU B 56 3.29 -23.56 7.24
C LEU B 56 2.18 -22.86 6.47
N LEU B 57 2.47 -22.46 5.22
CA LEU B 57 1.46 -21.82 4.37
C LEU B 57 0.52 -22.82 3.72
N LEU B 58 0.88 -24.10 3.67
CA LEU B 58 0.12 -25.13 2.99
C LEU B 58 -0.20 -26.22 4.01
N LYS B 59 -1.21 -25.96 4.85
CA LYS B 59 -1.64 -26.94 5.83
C LYS B 59 -3.14 -27.21 5.81
N TRP B 60 -3.92 -26.49 4.99
CA TRP B 60 -5.30 -26.89 4.78
C TRP B 60 -5.43 -28.07 3.84
N ARG B 61 -4.34 -28.49 3.19
CA ARG B 61 -4.42 -29.58 2.22
C ARG B 61 -4.86 -30.88 2.87
N SER B 62 -4.34 -31.17 4.06
CA SER B 62 -4.73 -32.39 4.76
C SER B 62 -6.15 -32.31 5.30
N SER B 63 -6.73 -31.12 5.40
CA SER B 63 -8.05 -30.92 5.96
C SER B 63 -9.15 -30.82 4.90
N TYR B 64 -8.82 -30.98 3.62
CA TYR B 64 -9.80 -30.88 2.54
C TYR B 64 -9.68 -32.11 1.65
N ILE B 65 -10.59 -33.05 1.83
CA ILE B 65 -10.74 -34.21 0.95
C ILE B 65 -12.09 -34.08 0.26
N PRO B 66 -12.12 -33.89 -1.07
CA PRO B 66 -13.40 -33.85 -1.77
C PRO B 66 -14.13 -35.17 -1.67
N PRO B 67 -15.45 -35.15 -1.54
CA PRO B 67 -16.20 -36.41 -1.36
C PRO B 67 -16.26 -37.21 -2.66
N GLN B 68 -16.78 -38.44 -2.52
CA GLN B 68 -16.90 -39.33 -3.65
C GLN B 68 -18.02 -38.88 -4.59
N LYS B 69 -18.12 -39.57 -5.72
CA LYS B 69 -19.12 -39.20 -6.72
C LYS B 69 -20.51 -39.61 -6.26
N PRO B 70 -21.51 -38.76 -6.44
CA PRO B 70 -22.88 -39.14 -6.05
C PRO B 70 -23.41 -40.28 -6.90
N THR B 71 -24.30 -41.07 -6.30
CA THR B 71 -24.77 -42.31 -6.89
C THR B 71 -26.28 -42.38 -7.00
N ASN B 72 -27.02 -41.85 -6.02
CA ASN B 72 -28.47 -42.04 -5.90
C ASN B 72 -29.27 -41.36 -7.01
N GLU B 73 -28.62 -40.66 -7.95
CA GLU B 73 -29.22 -40.00 -9.11
C GLU B 73 -30.10 -38.81 -8.75
N ASP B 74 -30.32 -38.54 -7.46
CA ASP B 74 -31.02 -37.34 -7.05
C ASP B 74 -30.04 -36.21 -6.82
N GLU B 75 -28.85 -36.52 -6.30
CA GLU B 75 -27.89 -35.49 -5.90
C GLU B 75 -27.32 -34.73 -7.10
N TYR B 76 -26.87 -35.43 -8.12
CA TYR B 76 -26.18 -34.82 -9.24
C TYR B 76 -27.08 -34.76 -10.46
N LYS B 77 -26.92 -33.68 -11.24
CA LYS B 77 -27.71 -33.42 -12.42
C LYS B 77 -26.80 -33.21 -13.62
N LYS B 78 -27.25 -33.61 -14.80
CA LYS B 78 -26.48 -33.48 -16.02
C LYS B 78 -27.38 -32.95 -17.12
N ILE B 79 -26.99 -31.82 -17.72
CA ILE B 79 -27.73 -31.25 -18.84
C ILE B 79 -26.79 -31.11 -20.03
N ILE B 80 -25.92 -32.10 -20.22
CA ILE B 80 -24.92 -32.17 -21.28
C ILE B 80 -25.48 -31.75 -22.62
N CYS B 81 -24.83 -30.77 -23.26
CA CYS B 81 -25.29 -30.22 -24.53
C CYS B 81 -24.07 -29.68 -25.28
N LYS B 82 -24.32 -29.04 -26.42
CA LYS B 82 -23.22 -28.71 -27.32
C LYS B 82 -22.54 -27.37 -27.00
N ASP B 83 -23.31 -26.35 -26.60
CA ASP B 83 -22.76 -25.03 -26.30
C ASP B 83 -23.79 -24.14 -25.63
N ILE B 84 -23.38 -23.42 -24.58
CA ILE B 84 -24.31 -22.54 -23.87
C ILE B 84 -24.76 -21.40 -24.77
N SER B 85 -23.85 -20.82 -25.54
CA SER B 85 -24.22 -19.77 -26.49
C SER B 85 -25.06 -20.30 -27.65
N SER B 86 -25.14 -21.62 -27.82
CA SER B 86 -25.97 -22.23 -28.85
C SER B 86 -27.31 -22.72 -28.30
N GLU B 87 -27.29 -23.47 -27.21
CA GLU B 87 -28.52 -24.03 -26.66
C GLU B 87 -29.33 -22.94 -25.95
N LYS B 88 -30.61 -23.21 -25.79
CA LYS B 88 -31.43 -22.40 -24.90
C LYS B 88 -31.11 -22.74 -23.46
N LEU B 89 -31.30 -21.75 -22.59
CA LEU B 89 -31.07 -21.91 -21.16
C LEU B 89 -32.35 -21.53 -20.41
N GLU B 90 -32.22 -21.39 -19.09
CA GLU B 90 -33.31 -21.01 -18.17
C GLU B 90 -34.55 -21.90 -18.30
N GLN B 91 -34.41 -23.08 -18.91
CA GLN B 91 -35.49 -24.06 -18.93
C GLN B 91 -35.08 -25.41 -18.37
N HIS B 92 -33.79 -25.70 -18.25
CA HIS B 92 -33.33 -26.89 -17.56
C HIS B 92 -33.27 -26.68 -16.05
N ALA B 93 -33.13 -25.42 -15.62
CA ALA B 93 -33.06 -25.08 -14.21
C ALA B 93 -33.87 -23.79 -14.02
N GLY B 94 -33.79 -23.22 -12.82
CA GLY B 94 -34.50 -21.98 -12.55
C GLY B 94 -34.24 -21.42 -11.17
N ASP B 95 -33.95 -20.12 -11.11
CA ASP B 95 -33.74 -19.38 -9.86
C ASP B 95 -32.66 -20.03 -8.99
N VAL B 96 -31.45 -20.07 -9.54
CA VAL B 96 -30.31 -20.60 -8.81
C VAL B 96 -29.65 -19.48 -8.01
N SER B 97 -28.77 -19.87 -7.07
CA SER B 97 -28.09 -18.92 -6.20
C SER B 97 -26.58 -18.91 -6.37
N ALA B 98 -26.01 -19.86 -7.12
CA ALA B 98 -24.56 -19.92 -7.32
C ALA B 98 -24.30 -20.34 -8.75
N LEU B 99 -23.77 -19.43 -9.54
CA LEU B 99 -23.44 -19.68 -10.94
C LEU B 99 -21.93 -19.76 -11.07
N PHE B 100 -21.45 -20.81 -11.71
CA PHE B 100 -20.02 -21.03 -11.91
C PHE B 100 -19.77 -21.19 -13.40
N ILE B 101 -18.79 -20.45 -13.92
CA ILE B 101 -18.37 -20.60 -15.31
C ILE B 101 -16.88 -20.90 -15.29
N ASN B 102 -16.54 -22.18 -15.42
CA ASN B 102 -15.15 -22.61 -15.54
C ASN B 102 -14.70 -22.30 -16.96
N ILE B 103 -14.10 -21.13 -17.15
CA ILE B 103 -13.77 -20.61 -18.47
C ILE B 103 -12.27 -20.73 -18.68
N LYS B 104 -11.88 -21.27 -19.83
CA LYS B 104 -10.48 -21.26 -20.28
C LYS B 104 -10.37 -20.15 -21.33
N TRP B 105 -9.96 -18.96 -20.87
CA TRP B 105 -9.80 -17.83 -21.78
C TRP B 105 -8.64 -18.07 -22.73
N LYS B 106 -8.80 -17.61 -23.98
CA LYS B 106 -7.79 -17.87 -24.99
C LYS B 106 -6.62 -16.90 -24.93
N LEU B 107 -6.87 -15.64 -24.57
CA LEU B 107 -5.87 -14.57 -24.56
C LEU B 107 -5.22 -14.44 -25.93
N SER B 108 -4.08 -15.09 -26.13
CA SER B 108 -3.48 -15.15 -27.45
C SER B 108 -4.35 -15.94 -28.41
N GLU B 109 -4.35 -15.51 -29.67
CA GLU B 109 -5.20 -16.17 -30.68
C GLU B 109 -4.74 -17.59 -30.96
N GLY B 110 -3.43 -17.85 -30.91
CA GLY B 110 -2.95 -19.20 -31.13
C GLY B 110 -3.34 -20.17 -30.03
N GLN B 111 -3.32 -19.69 -28.79
CA GLN B 111 -3.70 -20.53 -27.66
C GLN B 111 -5.18 -20.88 -27.71
N SER B 112 -5.50 -22.13 -27.40
CA SER B 112 -6.89 -22.57 -27.41
C SER B 112 -7.68 -21.92 -26.27
N GLY B 113 -8.98 -21.81 -26.47
CA GLY B 113 -9.86 -21.23 -25.49
C GLY B 113 -11.03 -20.54 -26.18
N LYS B 114 -11.63 -19.59 -25.46
CA LYS B 114 -12.73 -18.80 -25.99
C LYS B 114 -12.50 -17.33 -25.65
N SER B 115 -13.17 -16.46 -26.40
CA SER B 115 -13.01 -15.02 -26.24
C SER B 115 -14.33 -14.41 -25.72
N ILE B 116 -14.35 -13.08 -25.66
CA ILE B 116 -15.41 -12.37 -24.95
C ILE B 116 -16.75 -12.42 -25.68
N GLU B 117 -16.78 -12.73 -26.99
CA GLU B 117 -18.04 -12.70 -27.72
C GLU B 117 -18.98 -13.81 -27.29
N ASP B 118 -18.45 -14.92 -26.76
CA ASP B 118 -19.31 -15.95 -26.21
C ASP B 118 -20.05 -15.46 -24.97
N LEU B 119 -19.36 -14.68 -24.13
CA LEU B 119 -20.01 -14.08 -22.99
C LEU B 119 -20.95 -12.95 -23.39
N LYS B 120 -20.67 -12.27 -24.52
CA LYS B 120 -21.60 -11.27 -25.03
C LYS B 120 -22.94 -11.89 -25.39
N LYS B 121 -22.92 -13.08 -25.98
CA LYS B 121 -24.12 -13.78 -26.41
C LYS B 121 -24.59 -14.83 -25.41
N LEU B 122 -24.06 -14.80 -24.19
CA LEU B 122 -24.41 -15.79 -23.19
C LEU B 122 -25.86 -15.62 -22.76
N ALA B 123 -26.60 -16.74 -22.74
CA ALA B 123 -28.03 -16.71 -22.45
C ALA B 123 -28.23 -16.72 -20.95
N ILE B 124 -28.40 -15.55 -20.35
CA ILE B 124 -28.73 -15.40 -18.94
C ILE B 124 -29.95 -14.51 -18.84
N SER B 125 -30.99 -15.00 -18.16
CA SER B 125 -32.22 -14.26 -17.96
C SER B 125 -32.49 -14.14 -16.46
N ASP B 126 -33.63 -13.52 -16.12
CA ASP B 126 -34.04 -13.47 -14.72
C ASP B 126 -34.58 -14.81 -14.24
N LYS B 127 -34.98 -15.70 -15.16
CA LYS B 127 -35.44 -17.02 -14.75
C LYS B 127 -34.29 -17.92 -14.31
N LEU B 128 -33.18 -17.91 -15.07
CA LEU B 128 -32.05 -18.77 -14.75
C LEU B 128 -31.43 -18.39 -13.41
N ILE B 129 -31.09 -17.12 -13.25
CA ILE B 129 -30.48 -16.62 -12.02
C ILE B 129 -31.05 -15.24 -11.74
N ASN B 130 -31.60 -15.05 -10.54
CA ASN B 130 -32.31 -13.82 -10.23
C ASN B 130 -31.59 -13.21 -9.02
N ASN B 131 -31.15 -14.05 -8.10
CA ASN B 131 -30.53 -13.60 -6.87
C ASN B 131 -29.11 -14.09 -6.67
N GLY B 132 -28.58 -14.88 -7.58
CA GLY B 132 -27.33 -15.58 -7.35
C GLY B 132 -26.10 -14.72 -7.49
N ILE B 133 -24.97 -15.34 -7.23
CA ILE B 133 -23.66 -14.71 -7.39
C ILE B 133 -22.90 -15.55 -8.40
N ILE B 134 -22.36 -14.89 -9.42
CA ILE B 134 -21.73 -15.57 -10.54
C ILE B 134 -20.22 -15.56 -10.35
N PHE B 135 -19.59 -16.73 -10.48
CA PHE B 135 -18.15 -16.89 -10.27
C PHE B 135 -17.52 -17.17 -11.64
N ILE B 136 -16.55 -16.35 -12.03
CA ILE B 136 -15.96 -16.48 -13.36
C ILE B 136 -14.44 -16.30 -13.25
N TRP B 137 -13.70 -17.18 -13.92
CA TRP B 137 -12.24 -17.07 -13.98
C TRP B 137 -11.85 -15.97 -14.95
N SER B 138 -10.99 -15.06 -14.50
CA SER B 138 -10.64 -13.89 -15.28
C SER B 138 -9.13 -13.73 -15.34
N GLU B 139 -8.67 -13.13 -16.44
CA GLU B 139 -7.29 -12.73 -16.63
C GLU B 139 -7.19 -11.22 -16.41
N LYS B 140 -6.03 -10.64 -16.73
CA LYS B 140 -5.90 -9.19 -16.69
C LYS B 140 -5.88 -8.55 -18.07
N GLU B 141 -5.61 -9.32 -19.12
CA GLU B 141 -5.70 -8.77 -20.47
C GLU B 141 -7.14 -8.46 -20.85
N ILE B 142 -8.09 -9.22 -20.30
CA ILE B 142 -9.50 -9.06 -20.64
C ILE B 142 -10.32 -8.86 -19.38
N LEU B 143 -9.70 -8.29 -18.34
CA LEU B 143 -10.41 -8.04 -17.09
C LEU B 143 -11.46 -6.96 -17.28
N SER B 144 -11.07 -5.85 -17.91
CA SER B 144 -12.03 -4.76 -18.14
C SER B 144 -13.16 -5.22 -19.04
N GLN B 145 -12.83 -6.03 -20.07
CA GLN B 145 -13.85 -6.54 -20.97
C GLN B 145 -14.85 -7.44 -20.25
N ILE B 146 -14.35 -8.35 -19.43
CA ILE B 146 -15.22 -9.21 -18.62
C ILE B 146 -16.10 -8.35 -17.73
N VAL B 147 -15.52 -7.32 -17.13
CA VAL B 147 -16.27 -6.48 -16.19
C VAL B 147 -17.42 -5.77 -16.90
N ASP B 148 -17.18 -5.19 -18.09
CA ASP B 148 -18.31 -4.48 -18.69
C ASP B 148 -19.31 -5.45 -19.32
N VAL B 149 -18.85 -6.58 -19.86
CA VAL B 149 -19.80 -7.51 -20.48
C VAL B 149 -20.68 -8.16 -19.43
N LEU B 150 -20.18 -8.31 -18.20
CA LEU B 150 -21.04 -8.77 -17.11
C LEU B 150 -21.77 -7.62 -16.42
N GLU B 151 -21.35 -6.37 -16.67
CA GLU B 151 -22.09 -5.23 -16.15
C GLU B 151 -23.35 -4.95 -16.98
N ALA B 152 -23.32 -5.30 -18.26
CA ALA B 152 -24.49 -5.09 -19.11
C ALA B 152 -25.64 -6.02 -18.77
N LYS B 153 -25.36 -7.11 -18.06
CA LYS B 153 -26.39 -8.06 -17.63
C LYS B 153 -26.89 -7.78 -16.22
N GLY B 154 -26.28 -6.84 -15.50
CA GLY B 154 -26.69 -6.51 -14.15
C GLY B 154 -25.83 -7.10 -13.05
N PHE B 155 -24.81 -7.87 -13.37
CA PHE B 155 -23.96 -8.48 -12.36
C PHE B 155 -22.89 -7.48 -11.93
N ASN B 156 -23.00 -6.98 -10.70
CA ASN B 156 -22.02 -6.04 -10.16
C ASN B 156 -20.93 -6.78 -9.41
N TYR B 157 -19.67 -6.44 -9.72
CA TYR B 157 -18.53 -6.99 -8.99
C TYR B 157 -18.60 -6.57 -7.53
N ILE B 158 -18.47 -7.54 -6.62
CA ILE B 158 -18.52 -7.27 -5.19
C ILE B 158 -17.24 -7.67 -4.46
N GLU B 159 -16.51 -8.66 -4.98
CA GLU B 159 -15.35 -9.19 -4.27
C GLU B 159 -14.48 -9.97 -5.25
N ASN B 160 -13.25 -10.25 -4.82
CA ASN B 160 -12.30 -11.03 -5.60
C ASN B 160 -11.65 -12.07 -4.70
N PHE B 161 -11.20 -13.16 -5.32
CA PHE B 161 -10.66 -14.31 -4.61
C PHE B 161 -9.54 -14.90 -5.47
N MET B 162 -8.28 -14.69 -5.06
CA MET B 162 -7.19 -15.14 -5.91
C MET B 162 -6.41 -16.28 -5.29
N ILE B 163 -5.63 -16.93 -6.13
CA ILE B 163 -4.80 -18.07 -5.76
C ILE B 163 -3.36 -17.75 -6.18
N ASN B 164 -2.43 -17.89 -5.26
CA ASN B 164 -1.03 -17.62 -5.54
C ASN B 164 -0.31 -18.92 -5.88
N GLN B 165 0.38 -18.92 -7.01
CA GLN B 165 1.04 -20.11 -7.51
C GLN B 165 2.39 -20.30 -6.84
N LEU B 166 2.69 -21.52 -6.44
CA LEU B 166 4.03 -21.90 -5.99
C LEU B 166 4.47 -23.11 -6.79
N SER B 167 5.60 -23.00 -7.48
CA SER B 167 6.01 -24.03 -8.42
C SER B 167 6.76 -25.16 -7.74
N ALA B 168 6.37 -26.40 -8.04
CA ALA B 168 7.08 -27.56 -7.51
C ALA B 168 8.43 -27.73 -8.19
N ASP B 169 8.51 -27.39 -9.48
CA ASP B 169 9.80 -27.39 -10.17
C ASP B 169 10.75 -26.38 -9.54
N LYS B 170 10.23 -25.22 -9.12
CA LYS B 170 11.06 -24.25 -8.43
C LYS B 170 11.57 -24.80 -7.12
N ALA B 171 10.72 -25.53 -6.38
CA ALA B 171 11.16 -26.12 -5.12
C ALA B 171 12.24 -27.18 -5.34
N LEU B 172 12.08 -28.02 -6.35
CA LEU B 172 13.10 -29.03 -6.64
C LEU B 172 14.42 -28.40 -7.07
N GLU B 173 14.34 -27.36 -7.92
CA GLU B 173 15.55 -26.68 -8.36
C GLU B 173 16.25 -25.97 -7.20
N MET B 174 15.47 -25.35 -6.30
CA MET B 174 16.06 -24.69 -5.15
C MET B 174 16.68 -25.69 -4.19
N GLN B 175 16.06 -26.86 -4.04
CA GLN B 175 16.64 -27.88 -3.17
C GLN B 175 17.88 -28.52 -3.78
N ARG B 176 18.00 -28.53 -5.11
CA ARG B 176 19.27 -28.88 -5.72
C ARG B 176 20.29 -27.79 -5.43
N LYS B 177 19.90 -26.53 -5.61
CA LYS B 177 20.83 -25.41 -5.47
C LYS B 177 21.30 -25.20 -4.03
N ASN B 178 20.55 -25.70 -3.04
CA ASN B 178 20.93 -25.59 -1.64
C ASN B 178 21.69 -26.81 -1.14
N GLN B 179 21.19 -28.01 -1.41
CA GLN B 179 21.86 -29.23 -0.99
C GLN B 179 23.08 -29.51 -1.85
N TRP B 202 14.92 -38.95 -1.91
CA TRP B 202 14.66 -37.56 -1.56
C TRP B 202 15.07 -36.64 -2.69
N SER B 203 14.14 -35.76 -3.10
CA SER B 203 14.36 -34.75 -4.14
C SER B 203 14.73 -35.39 -5.48
N ASP B 204 14.16 -36.57 -5.75
CA ASP B 204 14.34 -37.25 -7.03
C ASP B 204 12.99 -37.76 -7.52
N ILE B 205 11.96 -36.93 -7.38
CA ILE B 205 10.58 -37.31 -7.69
C ILE B 205 9.89 -36.22 -8.51
N THR B 206 8.72 -36.58 -9.05
CA THR B 206 7.94 -35.75 -9.97
C THR B 206 7.20 -34.64 -9.22
N PRO B 207 6.99 -33.50 -9.88
CA PRO B 207 6.22 -32.41 -9.24
C PRO B 207 4.78 -32.80 -8.90
N GLU B 208 4.14 -33.58 -9.76
CA GLU B 208 2.78 -34.04 -9.46
C GLU B 208 2.77 -34.89 -8.20
N GLN B 209 3.88 -35.59 -7.94
CA GLN B 209 3.97 -36.38 -6.72
C GLN B 209 4.08 -35.47 -5.50
N CYS B 210 4.71 -34.29 -5.66
CA CYS B 210 4.67 -33.30 -4.59
C CYS B 210 3.25 -32.82 -4.35
N ILE B 211 2.48 -32.65 -5.42
CA ILE B 211 1.10 -32.21 -5.26
C ILE B 211 0.28 -33.30 -4.56
N GLU B 212 0.59 -34.57 -4.81
CA GLU B 212 -0.23 -35.66 -4.25
C GLU B 212 0.13 -35.93 -2.78
N GLN B 213 1.37 -36.31 -2.51
CA GLN B 213 1.75 -36.71 -1.14
C GLN B 213 1.76 -35.57 -0.14
N GLU B 214 1.59 -34.33 -0.57
CA GLU B 214 1.75 -33.14 0.29
C GLU B 214 3.15 -33.09 0.88
N LYS B 215 4.11 -33.71 0.20
CA LYS B 215 5.52 -33.73 0.62
C LYS B 215 6.16 -32.46 0.07
N PHE B 216 6.33 -31.46 0.94
CA PHE B 216 6.84 -30.17 0.52
C PHE B 216 8.24 -29.96 1.04
N PRO B 217 9.23 -29.80 0.16
CA PRO B 217 10.60 -29.60 0.62
C PRO B 217 10.73 -28.31 1.39
N PRO B 218 11.67 -28.23 2.34
CA PRO B 218 11.76 -27.05 3.21
C PRO B 218 12.08 -25.79 2.42
N ASN B 219 11.44 -24.69 2.83
CA ASN B 219 11.69 -23.39 2.22
C ASN B 219 11.23 -22.32 3.19
N ASN B 220 12.15 -21.47 3.62
CA ASN B 220 11.81 -20.36 4.51
C ASN B 220 11.56 -19.06 3.78
N TYR B 221 11.82 -19.00 2.47
CA TYR B 221 11.53 -17.83 1.64
C TYR B 221 10.65 -18.30 0.49
N VAL B 222 9.35 -17.99 0.58
CA VAL B 222 8.40 -18.47 -0.41
C VAL B 222 8.26 -17.51 -1.59
N GLN B 223 8.83 -16.31 -1.51
CA GLN B 223 8.69 -15.34 -2.58
C GLN B 223 9.57 -15.64 -3.77
N ASP B 224 10.56 -16.51 -3.62
CA ASP B 224 11.36 -16.96 -4.75
C ASP B 224 10.70 -18.12 -5.49
N ILE B 225 9.71 -18.78 -4.88
CA ILE B 225 9.20 -20.03 -5.43
C ILE B 225 8.00 -19.81 -6.35
N PHE B 226 7.58 -18.56 -6.55
CA PHE B 226 6.48 -18.25 -7.46
C PHE B 226 6.82 -18.69 -8.89
N VAL B 227 5.77 -18.92 -9.68
CA VAL B 227 5.97 -19.46 -11.02
C VAL B 227 6.56 -18.39 -11.94
N ASN B 228 7.25 -18.85 -12.98
CA ASN B 228 7.84 -17.98 -13.99
C ASN B 228 6.98 -18.09 -15.24
N SER B 229 6.30 -17.02 -15.59
CA SER B 229 5.40 -17.00 -16.74
C SER B 229 6.17 -16.54 -17.97
N GLU B 230 5.44 -16.20 -19.04
CA GLU B 230 6.03 -15.70 -20.27
C GLU B 230 5.29 -14.45 -20.74
N TYR B 231 4.95 -13.58 -19.80
CA TYR B 231 4.23 -12.36 -20.11
C TYR B 231 5.15 -11.33 -20.74
N SER B 232 4.54 -10.33 -21.38
CA SER B 232 5.26 -9.18 -21.93
C SER B 232 5.27 -7.99 -20.97
N PHE B 233 4.98 -8.23 -19.70
CA PHE B 233 4.87 -7.20 -18.67
C PHE B 233 5.33 -7.84 -17.37
N PHE B 234 4.89 -7.29 -16.23
CA PHE B 234 5.07 -7.96 -14.95
C PHE B 234 4.66 -9.42 -15.03
N ARG B 235 5.58 -10.30 -14.64
CA ARG B 235 5.39 -11.73 -14.85
C ARG B 235 4.17 -12.23 -14.08
N LYS B 236 3.46 -13.19 -14.68
CA LYS B 236 2.17 -13.65 -14.18
C LYS B 236 2.37 -14.71 -13.10
N SER B 237 1.91 -14.41 -11.89
CA SER B 237 1.81 -15.40 -10.80
C SER B 237 0.53 -15.05 -10.03
N LYS B 238 -0.58 -15.65 -10.45
CA LYS B 238 -1.91 -15.28 -9.98
C LYS B 238 -2.92 -16.26 -10.55
N LYS B 239 -4.11 -16.24 -9.98
CA LYS B 239 -5.29 -16.88 -10.57
C LYS B 239 -6.50 -16.26 -9.92
N ILE B 240 -7.32 -15.55 -10.70
CA ILE B 240 -8.35 -14.67 -10.18
C ILE B 240 -9.71 -15.30 -10.41
N LEU B 241 -10.56 -15.28 -9.38
CA LEU B 241 -11.98 -15.60 -9.50
C LEU B 241 -12.78 -14.34 -9.21
N LEU B 242 -13.40 -13.78 -10.24
CA LEU B 242 -14.28 -12.64 -10.07
C LEU B 242 -15.66 -13.16 -9.70
N MET B 243 -16.14 -12.79 -8.52
CA MET B 243 -17.51 -13.09 -8.11
C MET B 243 -18.31 -11.82 -8.21
N LEU B 244 -19.47 -11.91 -8.85
CA LEU B 244 -20.32 -10.75 -9.12
C LEU B 244 -21.71 -11.00 -8.58
N ARG B 245 -22.19 -10.08 -7.74
CA ARG B 245 -23.53 -10.16 -7.18
C ARG B 245 -24.56 -9.82 -8.24
N LYS B 246 -25.78 -10.33 -8.03
CA LYS B 246 -26.94 -9.97 -8.83
C LYS B 246 -28.00 -9.49 -7.84
N PHE B 247 -28.09 -8.17 -7.66
CA PHE B 247 -28.97 -7.62 -6.66
C PHE B 247 -30.43 -7.83 -7.05
N ASN B 248 -31.24 -8.28 -6.08
CA ASN B 248 -32.67 -8.38 -6.26
C ASN B 248 -33.47 -7.60 -5.22
N LYS B 249 -32.95 -7.47 -3.99
CA LYS B 249 -33.46 -6.58 -2.95
C LYS B 249 -34.79 -7.07 -2.36
N ASP B 250 -35.35 -8.13 -2.91
CA ASP B 250 -36.60 -8.69 -2.40
C ASP B 250 -36.42 -10.08 -1.81
N ALA B 251 -35.94 -11.03 -2.61
CA ALA B 251 -35.79 -12.39 -2.11
C ALA B 251 -34.53 -12.56 -1.26
N GLN B 252 -33.53 -11.69 -1.48
CA GLN B 252 -32.29 -11.64 -0.71
C GLN B 252 -31.49 -12.95 -0.78
N LEU B 253 -30.34 -12.98 -0.11
CA LEU B 253 -29.49 -14.15 -0.07
C LEU B 253 -29.04 -14.41 1.35
N GLU B 254 -29.17 -15.66 1.80
CA GLU B 254 -28.72 -16.07 3.12
C GLU B 254 -27.27 -16.52 3.03
N LEU B 255 -26.42 -15.98 3.90
CA LEU B 255 -24.99 -16.21 3.79
C LEU B 255 -24.33 -16.06 5.15
N ARG B 256 -23.23 -16.79 5.34
CA ARG B 256 -22.31 -16.53 6.43
C ARG B 256 -21.10 -15.77 5.90
N HIS B 257 -20.51 -14.93 6.74
CA HIS B 257 -19.68 -13.84 6.23
C HIS B 257 -18.25 -14.27 5.90
N GLN B 258 -17.47 -14.63 6.92
CA GLN B 258 -16.01 -14.58 6.78
C GLN B 258 -15.34 -15.92 7.05
N ARG B 259 -16.03 -17.03 6.79
CA ARG B 259 -15.42 -18.34 7.03
C ARG B 259 -14.63 -18.83 5.83
N THR B 260 -13.77 -17.97 5.29
CA THR B 260 -12.91 -18.27 4.15
C THR B 260 -11.91 -17.13 3.99
N SER B 261 -10.65 -17.47 3.77
CA SER B 261 -9.64 -16.49 3.39
C SER B 261 -9.67 -16.29 1.89
N ASP B 262 -9.45 -15.05 1.45
CA ASP B 262 -9.49 -14.77 0.02
C ASP B 262 -8.21 -15.16 -0.71
N ILE B 263 -7.19 -15.61 0.00
CA ILE B 263 -5.96 -16.11 -0.61
C ILE B 263 -5.65 -17.47 -0.02
N PHE B 264 -5.24 -18.40 -0.88
CA PHE B 264 -4.59 -19.61 -0.41
C PHE B 264 -3.48 -19.96 -1.37
N PHE B 265 -2.28 -20.20 -0.85
CA PHE B 265 -1.13 -20.50 -1.67
C PHE B 265 -1.23 -21.93 -2.16
N ASP B 266 -1.33 -22.12 -3.47
CA ASP B 266 -1.52 -23.45 -4.02
C ASP B 266 -0.28 -23.88 -4.78
N ILE B 267 0.06 -25.16 -4.66
CA ILE B 267 1.18 -25.74 -5.38
C ILE B 267 0.74 -26.06 -6.80
N PHE B 268 1.61 -25.73 -7.77
CA PHE B 268 1.29 -25.92 -9.17
C PHE B 268 2.39 -26.70 -9.86
N GLU B 269 2.36 -26.72 -11.19
CA GLU B 269 3.39 -27.36 -12.00
C GLU B 269 3.84 -26.39 -13.07
N GLN B 270 5.14 -26.35 -13.33
CA GLN B 270 5.66 -25.48 -14.38
C GLN B 270 5.20 -25.97 -15.75
N ASN B 271 5.26 -25.06 -16.73
CA ASN B 271 4.79 -25.25 -18.11
C ASN B 271 3.30 -25.60 -18.19
N LYS B 272 2.59 -25.51 -17.07
CA LYS B 272 1.15 -25.72 -17.03
C LYS B 272 0.57 -25.02 -15.80
N PRO B 273 0.37 -23.70 -15.85
CA PRO B 273 -0.22 -23.00 -14.70
C PRO B 273 -1.73 -22.91 -14.71
N ASN B 274 -2.38 -23.29 -15.81
CA ASN B 274 -3.82 -23.13 -15.96
C ASN B 274 -4.56 -24.41 -15.59
N ASP B 275 -4.35 -24.87 -14.36
CA ASP B 275 -5.05 -26.03 -13.83
C ASP B 275 -4.96 -26.02 -12.32
N VAL B 276 -6.09 -25.87 -11.65
CA VAL B 276 -6.15 -25.94 -10.20
C VAL B 276 -6.53 -27.36 -9.80
N SER B 277 -5.79 -27.92 -8.84
CA SER B 277 -5.88 -29.33 -8.54
C SER B 277 -7.17 -29.65 -7.79
N LYS B 278 -7.31 -30.93 -7.43
CA LYS B 278 -8.49 -31.42 -6.74
C LYS B 278 -8.68 -30.77 -5.37
N LYS B 279 -7.59 -30.44 -4.69
CA LYS B 279 -7.72 -29.79 -3.38
C LYS B 279 -8.12 -28.33 -3.53
N GLY B 280 -7.58 -27.63 -4.53
CA GLY B 280 -8.02 -26.27 -4.77
C GLY B 280 -9.47 -26.19 -5.23
N MET B 281 -9.89 -27.17 -6.05
CA MET B 281 -11.29 -27.25 -6.45
C MET B 281 -12.18 -27.52 -5.24
N GLU B 282 -11.74 -28.39 -4.33
CA GLU B 282 -12.50 -28.60 -3.10
C GLU B 282 -12.57 -27.32 -2.28
N PHE B 283 -11.47 -26.57 -2.21
CA PHE B 283 -11.47 -25.31 -1.46
C PHE B 283 -12.49 -24.32 -2.05
N VAL B 284 -12.47 -24.13 -3.36
CA VAL B 284 -13.38 -23.14 -3.95
C VAL B 284 -14.83 -23.61 -3.87
N TYR B 285 -15.07 -24.90 -4.06
CA TYR B 285 -16.43 -25.42 -3.92
C TYR B 285 -16.93 -25.27 -2.50
N LYS B 286 -16.07 -25.54 -1.51
CA LYS B 286 -16.48 -25.40 -0.12
C LYS B 286 -16.70 -23.95 0.26
N MET B 287 -15.94 -23.02 -0.31
CA MET B 287 -16.20 -21.62 0.03
C MET B 287 -17.45 -21.11 -0.67
N ILE B 288 -17.80 -21.66 -1.83
CA ILE B 288 -19.12 -21.37 -2.41
C ILE B 288 -20.22 -21.93 -1.51
N GLU B 289 -20.06 -23.17 -1.05
CA GLU B 289 -21.10 -23.85 -0.31
C GLU B 289 -21.30 -23.23 1.08
N THR B 290 -20.22 -22.82 1.72
CA THR B 290 -20.34 -22.10 2.99
C THR B 290 -20.79 -20.67 2.78
N LEU B 291 -20.38 -20.04 1.67
CA LEU B 291 -20.85 -18.70 1.37
C LEU B 291 -22.35 -18.67 1.09
N LEU B 292 -22.92 -19.77 0.64
CA LEU B 292 -24.35 -19.88 0.39
C LEU B 292 -24.86 -21.16 1.06
N PRO B 293 -25.16 -21.09 2.36
CA PRO B 293 -25.57 -22.32 3.08
C PRO B 293 -26.92 -22.85 2.64
N LYS B 294 -27.84 -21.99 2.20
CA LYS B 294 -29.19 -22.44 1.87
C LYS B 294 -29.22 -23.30 0.61
N ALA B 295 -28.21 -23.20 -0.25
CA ALA B 295 -28.17 -24.00 -1.45
C ALA B 295 -27.52 -25.36 -1.24
N ASN B 296 -27.11 -25.67 -0.01
CA ASN B 296 -26.65 -27.01 0.31
C ASN B 296 -27.81 -27.99 0.26
N TYR B 297 -27.53 -29.20 -0.21
CA TYR B 297 -28.56 -30.23 -0.36
C TYR B 297 -28.98 -30.71 1.02
N SER B 298 -30.11 -30.17 1.52
CA SER B 298 -30.64 -30.65 2.81
C SER B 298 -32.17 -30.50 2.77
N GLU B 299 -32.84 -31.58 2.37
CA GLU B 299 -34.28 -31.81 2.51
C GLU B 299 -35.13 -30.87 1.66
N GLU B 300 -34.55 -29.88 1.00
CA GLU B 300 -35.33 -28.94 0.20
C GLU B 300 -34.76 -28.65 -1.18
N ASN B 301 -33.56 -29.11 -1.49
CA ASN B 301 -32.95 -28.85 -2.80
C ASN B 301 -33.27 -29.94 -3.82
N LYS B 302 -34.12 -30.89 -3.48
CA LYS B 302 -34.54 -31.93 -4.43
C LYS B 302 -35.45 -31.28 -5.46
N GLY B 303 -34.91 -31.03 -6.65
CA GLY B 303 -35.60 -30.24 -7.65
C GLY B 303 -35.46 -28.75 -7.49
N ALA B 304 -34.75 -28.30 -6.45
CA ALA B 304 -34.52 -26.88 -6.14
C ALA B 304 -33.04 -26.65 -5.87
N PHE B 305 -32.20 -27.09 -6.82
CA PHE B 305 -30.77 -27.25 -6.59
C PHE B 305 -30.09 -25.94 -6.20
N LYS B 306 -30.43 -24.84 -6.89
CA LYS B 306 -29.89 -23.51 -6.62
C LYS B 306 -28.38 -23.42 -6.83
N MET B 307 -27.78 -24.34 -7.60
CA MET B 307 -26.36 -24.28 -7.92
C MET B 307 -26.12 -24.99 -9.24
N MET B 308 -25.40 -24.35 -10.15
CA MET B 308 -24.89 -25.06 -11.32
C MET B 308 -23.54 -24.51 -11.71
N GLU B 309 -22.86 -25.24 -12.60
CA GLU B 309 -21.59 -24.82 -13.17
C GLU B 309 -21.65 -24.96 -14.68
N LEU B 310 -21.35 -23.89 -15.40
CA LEU B 310 -21.28 -23.94 -16.86
C LEU B 310 -19.86 -24.26 -17.30
N TYR B 311 -19.74 -24.80 -18.51
CA TYR B 311 -18.48 -25.33 -19.05
C TYR B 311 -17.83 -26.29 -18.06
N ALA B 312 -18.65 -27.23 -17.58
CA ALA B 312 -18.25 -28.11 -16.50
C ALA B 312 -17.11 -29.03 -16.91
N ASP B 313 -16.20 -29.26 -15.97
CA ASP B 313 -15.11 -30.21 -16.14
C ASP B 313 -15.49 -31.55 -15.55
N ASP B 314 -14.71 -32.58 -15.87
CA ASP B 314 -15.00 -33.92 -15.38
C ASP B 314 -14.67 -34.04 -13.89
N LYS B 315 -13.71 -33.27 -13.41
CA LYS B 315 -13.21 -33.41 -12.04
C LYS B 315 -14.03 -32.55 -11.09
N SER B 316 -14.58 -33.19 -10.05
CA SER B 316 -15.18 -32.53 -8.89
C SER B 316 -16.48 -31.79 -9.20
N GLN B 317 -16.96 -31.84 -10.45
CA GLN B 317 -18.19 -31.13 -10.75
C GLN B 317 -19.44 -31.94 -10.46
N PRO B 318 -19.55 -33.26 -10.78
CA PRO B 318 -20.70 -34.01 -10.29
C PRO B 318 -20.75 -33.95 -8.76
N ARG B 319 -21.74 -33.24 -8.25
CA ARG B 319 -21.73 -32.79 -6.87
C ARG B 319 -23.14 -32.85 -6.31
N LYS B 320 -23.25 -33.18 -5.03
CA LYS B 320 -24.56 -33.26 -4.37
C LYS B 320 -25.09 -31.85 -4.20
N GLY B 321 -26.00 -31.46 -5.09
CA GLY B 321 -26.56 -30.12 -5.09
C GLY B 321 -26.12 -29.23 -6.23
N TRP B 322 -25.49 -29.77 -7.27
CA TRP B 322 -24.97 -28.99 -8.38
C TRP B 322 -25.51 -29.56 -9.69
N ILE B 323 -25.66 -28.69 -10.68
CA ILE B 323 -26.03 -29.07 -12.04
C ILE B 323 -24.81 -28.88 -12.92
N SER B 324 -24.30 -29.97 -13.50
CA SER B 324 -23.06 -29.93 -14.28
C SER B 324 -23.41 -29.72 -15.75
N VAL B 325 -23.22 -28.50 -16.23
CA VAL B 325 -23.52 -28.15 -17.62
C VAL B 325 -22.28 -28.48 -18.45
N TYR B 326 -22.31 -29.61 -19.14
CA TYR B 326 -21.19 -30.05 -19.95
C TYR B 326 -21.15 -29.28 -21.27
N GLU B 327 -20.22 -29.66 -22.14
CA GLU B 327 -20.05 -29.03 -23.44
C GLU B 327 -19.69 -30.12 -24.45
N GLN B 328 -20.68 -30.57 -25.22
CA GLN B 328 -20.44 -31.59 -26.24
C GLN B 328 -19.81 -30.96 -27.48
N GLU B 329 -18.92 -31.71 -28.12
CA GLU B 329 -18.24 -31.23 -29.31
C GLU B 329 -19.14 -31.38 -30.54
N THR C 156 0.50 9.72 32.62
CA THR C 156 1.45 10.23 33.60
C THR C 156 2.88 10.18 33.07
N LEU C 157 3.79 9.64 33.88
CA LEU C 157 5.21 9.63 33.52
C LEU C 157 5.51 8.68 32.37
N GLU C 158 4.67 7.67 32.15
CA GLU C 158 4.96 6.66 31.13
C GLU C 158 4.53 7.08 29.73
N ASP C 159 3.27 7.50 29.58
CA ASP C 159 2.75 7.87 28.27
C ASP C 159 3.46 9.10 27.71
N ILE C 160 3.90 10.01 28.58
CA ILE C 160 4.72 11.12 28.14
C ILE C 160 6.08 10.60 27.65
N GLU C 161 6.62 9.59 28.32
CA GLU C 161 7.90 8.99 27.97
C GLU C 161 7.79 8.00 26.81
N ASN C 162 6.71 8.02 26.05
CA ASN C 162 6.51 7.07 24.97
C ASN C 162 7.55 7.32 23.88
N GLU C 163 8.03 6.24 23.26
CA GLU C 163 9.06 6.36 22.23
C GLU C 163 8.46 6.85 20.91
N LYS C 164 7.21 6.49 20.61
CA LYS C 164 6.58 6.97 19.39
C LYS C 164 6.27 8.46 19.44
N PHE C 165 6.32 9.06 20.62
CA PHE C 165 6.08 10.49 20.77
C PHE C 165 7.34 11.26 20.38
N THR C 166 7.19 12.30 19.57
CA THR C 166 8.33 13.10 19.18
C THR C 166 8.82 13.95 20.35
N ASN C 167 10.13 14.21 20.35
CA ASN C 167 10.82 14.68 21.55
C ASN C 167 10.41 16.11 21.90
N LEU C 168 10.22 16.96 20.89
CA LEU C 168 9.77 18.32 21.16
C LEU C 168 8.36 18.33 21.74
N GLU C 169 7.47 17.49 21.23
CA GLU C 169 6.13 17.42 21.81
C GLU C 169 6.15 16.71 23.16
N ILE C 170 7.11 15.81 23.38
CA ILE C 170 7.35 15.29 24.72
C ILE C 170 7.65 16.43 25.67
N LEU C 171 8.54 17.34 25.24
CA LEU C 171 8.86 18.52 26.04
C LEU C 171 7.63 19.39 26.26
N THR C 172 6.80 19.56 25.22
CA THR C 172 5.63 20.42 25.32
C THR C 172 4.62 19.90 26.35
N HIS C 173 4.21 18.65 26.19
CA HIS C 173 3.23 18.09 27.13
C HIS C 173 3.84 17.93 28.52
N LEU C 174 5.13 17.64 28.59
CA LEU C 174 5.78 17.44 29.88
C LEU C 174 5.85 18.77 30.64
N TYR C 175 6.22 19.85 29.94
CA TYR C 175 6.13 21.20 30.50
C TYR C 175 4.70 21.53 30.91
N ASN C 176 3.71 21.03 30.15
CA ASN C 176 2.33 21.28 30.50
C ASN C 176 1.99 20.69 31.86
N LEU C 177 2.42 19.45 32.12
CA LEU C 177 2.10 18.93 33.46
C LEU C 177 2.98 19.55 34.54
N LYS C 178 4.20 20.02 34.23
CA LYS C 178 4.91 20.80 35.25
C LYS C 178 4.14 22.05 35.61
N ALA C 179 3.63 22.77 34.60
CA ALA C 179 2.86 23.98 34.87
C ALA C 179 1.63 23.68 35.70
N GLU C 180 0.94 22.58 35.38
CA GLU C 180 -0.26 22.23 36.13
C GLU C 180 0.08 21.87 37.57
N ILE C 181 1.15 21.11 37.80
CA ILE C 181 1.44 20.69 39.17
C ILE C 181 1.94 21.87 40.01
N VAL C 182 2.78 22.75 39.43
CA VAL C 182 3.21 23.91 40.21
C VAL C 182 2.04 24.87 40.42
N ARG C 183 1.06 24.90 39.51
CA ARG C 183 -0.16 25.63 39.81
C ARG C 183 -0.89 24.99 40.99
N ARG C 184 -0.85 23.66 41.09
CA ARG C 184 -1.47 22.99 42.23
C ARG C 184 -0.77 23.40 43.53
N LEU C 185 0.57 23.39 43.56
CA LEU C 185 1.26 23.79 44.79
C LEU C 185 1.06 25.27 45.08
N ALA C 186 0.82 26.09 44.05
CA ALA C 186 0.37 27.45 44.30
C ALA C 186 -1.00 27.45 44.95
N GLU C 187 -1.86 26.51 44.57
CA GLU C 187 -3.21 26.45 45.15
C GLU C 187 -3.17 26.10 46.63
N GLN C 188 -2.47 25.02 47.01
CA GLN C 188 -2.48 24.71 48.45
C GLN C 188 -1.06 24.80 49.00
N ASN D 13 24.67 10.97 -26.29
CA ASN D 13 24.92 12.07 -25.36
C ASN D 13 24.93 11.59 -23.91
N GLN D 14 25.00 12.54 -22.98
CA GLN D 14 24.95 12.19 -21.57
C GLN D 14 23.54 11.71 -21.20
N PRO D 15 23.42 10.65 -20.41
CA PRO D 15 22.09 10.12 -20.09
C PRO D 15 21.42 10.83 -18.91
N LEU D 16 21.51 12.16 -18.88
CA LEU D 16 20.80 13.00 -17.92
C LEU D 16 21.13 12.61 -16.47
N ASP D 17 22.37 12.88 -16.09
CA ASP D 17 22.74 12.76 -14.69
C ASP D 17 21.87 13.69 -13.84
N PHE D 18 21.46 13.20 -12.67
CA PHE D 18 20.29 13.73 -12.01
C PHE D 18 20.58 14.78 -10.94
N THR D 19 21.85 15.01 -10.59
CA THR D 19 22.17 15.93 -9.51
C THR D 19 21.72 17.36 -9.83
N GLN D 20 22.36 17.98 -10.83
CA GLN D 20 22.01 19.35 -11.16
C GLN D 20 20.62 19.46 -11.77
N TYR D 21 20.15 18.39 -12.42
CA TYR D 21 18.78 18.37 -12.93
C TYR D 21 17.78 18.50 -11.79
N ALA D 22 17.93 17.68 -10.75
CA ALA D 22 17.08 17.78 -9.57
C ALA D 22 17.26 19.11 -8.86
N LYS D 23 18.48 19.67 -8.89
CA LYS D 23 18.69 20.99 -8.33
C LYS D 23 17.85 22.03 -9.06
N ASN D 24 17.81 21.96 -10.39
CA ASN D 24 17.03 22.91 -11.18
C ASN D 24 15.53 22.73 -10.93
N MET D 25 15.06 21.49 -10.84
CA MET D 25 13.65 21.28 -10.51
C MET D 25 13.32 21.83 -9.12
N ARG D 26 14.23 21.65 -8.16
CA ARG D 26 13.95 22.17 -6.82
C ARG D 26 14.00 23.69 -6.79
N LYS D 27 14.81 24.29 -7.67
CA LYS D 27 14.74 25.75 -7.85
C LYS D 27 13.39 26.15 -8.41
N ASP D 28 12.87 25.40 -9.38
CA ASP D 28 11.69 25.81 -10.11
C ASP D 28 10.40 25.56 -9.33
N LEU D 29 10.08 24.30 -9.06
CA LEU D 29 8.76 23.93 -8.58
C LEU D 29 8.69 23.54 -7.11
N SER D 30 9.79 23.08 -6.51
CA SER D 30 9.75 22.62 -5.14
C SER D 30 9.64 23.81 -4.18
N ASN D 31 9.28 23.50 -2.93
CA ASN D 31 9.05 24.53 -1.94
C ASN D 31 10.37 25.23 -1.59
N GLN D 32 10.25 26.49 -1.15
CA GLN D 32 11.43 27.27 -0.78
C GLN D 32 12.12 26.74 0.46
N ASP D 33 11.42 25.96 1.29
CA ASP D 33 11.99 25.41 2.51
C ASP D 33 12.71 24.09 2.27
N ILE D 34 12.80 23.64 1.03
CA ILE D 34 13.51 22.41 0.69
C ILE D 34 14.80 22.67 -0.06
N CYS D 35 14.92 23.77 -0.80
CA CYS D 35 16.16 24.07 -1.49
C CYS D 35 16.76 25.36 -0.97
N LEU D 36 18.03 25.32 -0.62
CA LEU D 36 18.82 26.48 -0.27
C LEU D 36 19.87 26.72 -1.34
N GLU D 37 20.41 27.93 -1.37
CA GLU D 37 21.25 28.49 -2.43
C GLU D 37 20.80 28.00 -3.81
N ASP D 38 21.73 27.54 -4.65
CA ASP D 38 21.32 26.99 -5.94
C ASP D 38 20.65 25.63 -5.77
N GLY D 39 21.39 24.65 -5.28
CA GLY D 39 20.82 23.33 -5.09
C GLY D 39 21.26 22.65 -3.80
N ALA D 40 20.29 22.30 -2.96
CA ALA D 40 20.57 21.59 -1.71
C ALA D 40 19.26 20.99 -1.23
N LEU D 41 19.33 19.76 -0.71
CA LEU D 41 18.11 19.09 -0.27
C LEU D 41 17.56 19.66 1.03
N ASN D 42 18.38 20.40 1.78
CA ASN D 42 18.01 20.89 3.11
C ASN D 42 17.57 19.74 4.01
N HIS D 43 18.55 18.87 4.29
CA HIS D 43 18.31 17.66 5.06
C HIS D 43 17.79 17.94 6.46
N SER D 44 17.99 19.15 6.97
CA SER D 44 17.56 19.51 8.32
C SER D 44 16.05 19.53 8.48
N TYR D 45 15.30 19.45 7.38
CA TYR D 45 13.84 19.50 7.43
C TYR D 45 13.17 18.16 7.15
N PHE D 46 13.84 17.25 6.46
CA PHE D 46 13.31 15.92 6.20
C PHE D 46 13.57 14.92 7.31
N LEU D 47 14.35 15.28 8.32
CA LEU D 47 14.49 14.44 9.51
C LEU D 47 13.67 14.93 10.69
N THR D 48 12.95 16.04 10.54
CA THR D 48 12.07 16.55 11.57
C THR D 48 10.63 16.51 11.09
N LYS D 49 9.70 16.38 12.03
CA LYS D 49 8.30 16.22 11.70
C LYS D 49 7.71 17.52 11.16
N LYS D 50 6.59 17.38 10.44
CA LYS D 50 5.99 18.48 9.72
C LYS D 50 5.46 19.55 10.66
N GLY D 51 5.70 20.81 10.30
CA GLY D 51 5.24 21.94 11.07
C GLY D 51 6.27 22.51 12.02
N GLN D 52 7.33 21.76 12.31
CA GLN D 52 8.38 22.19 13.24
C GLN D 52 9.73 21.98 12.56
N TYR D 53 10.30 23.05 12.01
CA TYR D 53 11.64 23.00 11.44
C TYR D 53 12.52 24.18 11.85
N TRP D 54 11.93 25.31 12.24
CA TRP D 54 12.66 26.53 12.61
C TRP D 54 13.53 27.01 11.44
N THR D 55 12.83 27.45 10.39
CA THR D 55 13.40 28.01 9.16
C THR D 55 14.37 29.14 9.49
N PRO D 56 15.34 29.44 8.60
CA PRO D 56 16.19 30.61 8.82
C PRO D 56 15.41 31.91 8.91
N LEU D 57 14.24 31.98 8.28
CA LEU D 57 13.35 33.12 8.48
C LEU D 57 12.93 33.22 9.94
N ASN D 58 12.57 32.10 10.56
CA ASN D 58 12.23 32.11 11.98
C ASN D 58 13.44 32.46 12.84
N GLN D 59 14.62 31.97 12.45
CA GLN D 59 15.84 32.27 13.20
C GLN D 59 16.10 33.76 13.22
N LYS D 60 16.10 34.40 12.04
CA LYS D 60 16.28 35.84 11.97
C LYS D 60 15.13 36.58 12.64
N ALA D 61 13.92 36.01 12.61
CA ALA D 61 12.77 36.64 13.24
C ALA D 61 12.97 36.77 14.75
N LEU D 62 13.31 35.67 15.42
CA LEU D 62 13.51 35.78 16.86
C LEU D 62 14.82 36.50 17.17
N GLN D 63 15.80 36.45 16.25
CA GLN D 63 17.05 37.17 16.46
C GLN D 63 16.83 38.67 16.44
N ARG D 64 15.91 39.15 15.61
CA ARG D 64 15.56 40.58 15.64
C ARG D 64 14.48 40.89 16.66
N GLY D 65 13.75 39.88 17.15
CA GLY D 65 12.69 40.11 18.10
C GLY D 65 13.08 40.01 19.55
N ILE D 66 14.24 39.44 19.87
CA ILE D 66 14.67 39.43 21.26
C ILE D 66 15.00 40.84 21.76
N GLU D 67 15.25 41.77 20.85
CA GLU D 67 15.43 43.17 21.19
C GLU D 67 14.16 43.95 20.93
N LEU D 68 14.11 45.16 21.50
CA LEU D 68 12.98 46.10 21.40
C LEU D 68 11.68 45.52 21.94
N PHE D 69 11.75 44.46 22.76
CA PHE D 69 10.56 43.86 23.33
C PHE D 69 10.96 43.18 24.63
N GLY D 70 10.02 43.13 25.57
CA GLY D 70 10.30 42.62 26.90
C GLY D 70 10.58 41.13 26.87
N VAL D 71 11.81 40.73 27.18
CA VAL D 71 12.13 39.32 27.22
C VAL D 71 11.51 38.68 28.46
N GLY D 72 11.49 37.36 28.47
CA GLY D 72 10.79 36.58 29.48
C GLY D 72 9.36 36.23 29.13
N ASN D 73 8.59 37.21 28.67
CA ASN D 73 7.22 37.00 28.21
C ASN D 73 7.24 36.75 26.71
N TRP D 74 7.02 35.50 26.31
CA TRP D 74 6.97 35.13 24.90
C TRP D 74 5.57 35.23 24.29
N LYS D 75 4.52 35.35 25.10
CA LYS D 75 3.19 35.56 24.54
C LYS D 75 3.09 36.92 23.85
N GLU D 76 3.67 37.95 24.45
CA GLU D 76 3.61 39.29 23.86
C GLU D 76 4.49 39.40 22.63
N ILE D 77 5.57 38.61 22.55
CA ILE D 77 6.39 38.66 21.34
C ILE D 77 5.79 37.78 20.25
N ASN D 78 4.98 36.79 20.63
CA ASN D 78 4.35 35.94 19.62
C ASN D 78 3.03 36.52 19.12
N TYR D 79 2.43 37.46 19.87
CA TYR D 79 1.25 38.15 19.38
C TYR D 79 1.57 39.00 18.16
N ASP D 80 2.71 39.67 18.18
CA ASP D 80 3.17 40.45 17.04
C ASP D 80 3.95 39.63 16.03
N GLU D 81 4.24 38.37 16.33
CA GLU D 81 4.93 37.48 15.41
C GLU D 81 3.90 36.80 14.51
N PHE D 82 4.31 35.72 13.82
CA PHE D 82 3.42 35.03 12.89
C PHE D 82 2.17 34.50 13.58
N SER D 83 2.25 34.18 14.86
CA SER D 83 1.20 33.49 15.61
C SER D 83 0.81 32.19 14.91
N GLY D 84 1.84 31.44 14.53
CA GLY D 84 1.68 30.20 13.80
C GLY D 84 2.47 29.07 14.42
N LYS D 85 3.39 28.48 13.66
CA LYS D 85 4.26 27.44 14.19
C LYS D 85 5.36 28.04 15.06
N ALA D 86 4.97 28.71 16.14
CA ALA D 86 5.87 29.44 17.03
C ALA D 86 5.54 29.11 18.48
N ASN D 87 5.47 27.82 18.78
CA ASN D 87 5.16 27.36 20.14
C ASN D 87 6.23 27.80 21.12
N ILE D 88 5.80 28.04 22.35
CA ILE D 88 6.66 28.68 23.35
C ILE D 88 7.85 27.79 23.71
N VAL D 89 7.62 26.48 23.85
CA VAL D 89 8.64 25.59 24.35
C VAL D 89 9.85 25.57 23.42
N GLU D 90 9.60 25.58 22.10
CA GLU D 90 10.71 25.69 21.15
C GLU D 90 11.44 27.02 21.30
N LEU D 91 10.71 28.08 21.68
CA LEU D 91 11.34 29.38 21.86
C LEU D 91 12.29 29.37 23.06
N GLU D 92 11.85 28.86 24.21
CA GLU D 92 12.78 28.77 25.33
C GLU D 92 13.87 27.73 25.09
N LEU D 93 13.63 26.75 24.22
CA LEU D 93 14.67 25.78 23.91
C LEU D 93 15.78 26.40 23.06
N ARG D 94 15.40 27.18 22.04
CA ARG D 94 16.38 27.68 21.08
C ARG D 94 16.92 29.07 21.41
N THR D 95 16.32 29.79 22.36
CA THR D 95 16.93 31.02 22.84
C THR D 95 18.13 30.75 23.74
N CYS D 96 18.19 29.55 24.33
CA CYS D 96 19.31 29.19 25.20
C CYS D 96 20.64 29.25 24.44
N MET D 97 20.65 28.74 23.19
CA MET D 97 21.88 28.74 22.41
C MET D 97 22.31 30.15 22.04
N ILE D 98 21.35 31.03 21.74
CA ILE D 98 21.67 32.43 21.53
C ILE D 98 22.30 33.01 22.79
N LEU D 99 21.79 32.63 23.96
CA LEU D 99 22.50 32.95 25.19
C LEU D 99 23.76 32.10 25.33
N GLY D 100 23.66 30.80 25.06
CA GLY D 100 24.74 29.87 25.32
C GLY D 100 24.64 29.13 26.63
N ILE D 101 23.75 29.55 27.53
CA ILE D 101 23.58 28.94 28.84
C ILE D 101 22.15 28.42 28.96
N ASN D 102 22.01 27.22 29.53
CA ASN D 102 20.69 26.63 29.71
C ASN D 102 19.83 27.46 30.65
N ASP D 103 20.41 27.94 31.74
CA ASP D 103 19.65 28.70 32.71
C ASP D 103 19.30 30.07 32.17
N ILE D 104 18.04 30.48 32.35
CA ILE D 104 17.58 31.80 31.94
C ILE D 104 17.18 32.65 33.13
N THR D 105 17.09 32.08 34.34
CA THR D 105 16.58 32.82 35.50
C THR D 105 17.46 34.02 35.84
N GLU D 106 18.78 33.89 35.69
CA GLU D 106 19.68 35.01 35.90
C GLU D 106 19.69 35.99 34.73
N TYR D 107 19.03 35.66 33.62
CA TYR D 107 19.00 36.48 32.42
C TYR D 107 17.57 36.79 32.01
N TYR D 108 16.78 37.22 33.00
CA TYR D 108 15.39 37.59 32.78
C TYR D 108 15.24 39.11 32.76
N GLY D 109 14.49 39.61 31.78
CA GLY D 109 14.08 41.00 31.79
C GLY D 109 15.09 42.01 31.30
N LYS D 110 16.21 41.57 30.72
CA LYS D 110 17.20 42.49 30.19
C LYS D 110 17.52 42.14 28.73
N LYS D 111 17.70 43.19 27.92
CA LYS D 111 17.79 43.08 26.47
C LYS D 111 19.23 43.32 26.04
N ILE D 112 19.74 42.46 25.17
CA ILE D 112 21.13 42.52 24.72
C ILE D 112 21.17 42.34 23.20
N SER D 113 21.92 43.21 22.52
CA SER D 113 21.99 43.17 21.06
C SER D 113 22.74 41.93 20.59
N GLU D 114 22.64 41.66 19.29
CA GLU D 114 23.07 40.37 18.74
C GLU D 114 24.58 40.19 18.80
N GLU D 115 25.35 41.24 18.54
CA GLU D 115 26.81 41.09 18.53
C GLU D 115 27.35 40.79 19.93
N GLU D 116 26.81 41.46 20.96
CA GLU D 116 27.20 41.13 22.32
C GLU D 116 26.67 39.75 22.72
N GLN D 117 25.54 39.33 22.14
CA GLN D 117 25.08 37.96 22.37
C GLN D 117 26.05 36.94 21.82
N GLU D 118 26.59 37.18 20.62
CA GLU D 118 27.62 36.28 20.09
C GLU D 118 28.90 36.36 20.92
N GLU D 119 29.23 37.55 21.43
CA GLU D 119 30.40 37.69 22.30
C GLU D 119 30.27 36.85 23.56
N ILE D 120 29.12 36.95 24.25
CA ILE D 120 28.93 36.18 25.47
C ILE D 120 28.75 34.70 25.14
N LYS D 121 28.25 34.37 23.94
CA LYS D 121 28.21 32.98 23.52
C LYS D 121 29.62 32.41 23.38
N LYS D 122 30.52 33.16 22.76
CA LYS D 122 31.91 32.72 22.64
C LYS D 122 32.57 32.63 24.02
N SER D 123 32.25 33.57 24.90
CA SER D 123 32.80 33.53 26.26
C SER D 123 32.32 32.30 27.01
N ASN D 124 31.03 31.96 26.87
CA ASN D 124 30.50 30.77 27.51
C ASN D 124 31.12 29.51 26.95
N ILE D 125 31.34 29.46 25.63
CA ILE D 125 32.02 28.32 25.01
C ILE D 125 33.44 28.18 25.55
N ALA D 126 34.16 29.31 25.66
CA ALA D 126 35.52 29.27 26.16
C ALA D 126 35.58 28.83 27.62
N LYS D 127 34.66 29.33 28.46
CA LYS D 127 34.67 28.94 29.86
C LYS D 127 34.23 27.50 30.04
N GLY D 128 33.35 26.99 29.17
CA GLY D 128 33.01 25.58 29.22
C GLY D 128 34.17 24.70 28.80
N LYS D 129 34.93 25.12 27.78
CA LYS D 129 36.10 24.37 27.37
C LYS D 129 37.18 24.39 28.46
N LYS D 130 37.37 25.53 29.12
CA LYS D 130 38.34 25.60 30.21
C LYS D 130 37.89 24.84 31.43
N GLU D 131 36.57 24.72 31.64
CA GLU D 131 36.02 23.98 32.76
C GLU D 131 35.76 22.51 32.42
N ASN D 132 36.29 22.04 31.28
CA ASN D 132 36.24 20.68 30.71
C ASN D 132 34.96 19.93 31.06
N LYS D 133 33.81 20.58 30.85
CA LYS D 133 32.53 19.95 31.11
C LYS D 133 31.50 20.25 30.04
N LEU D 134 31.91 20.83 28.91
CA LEU D 134 30.97 21.16 27.85
C LEU D 134 30.38 19.91 27.21
N LYS D 135 29.10 19.96 26.88
CA LYS D 135 28.40 18.86 26.22
C LYS D 135 27.75 19.39 24.94
N ASP D 136 28.55 19.43 23.86
CA ASP D 136 28.11 19.85 22.53
C ASP D 136 27.52 21.27 22.58
N ASN D 137 28.41 22.22 22.88
CA ASN D 137 28.16 23.66 22.82
C ASN D 137 27.29 24.12 23.99
N ILE D 138 26.77 23.18 24.76
CA ILE D 138 25.82 23.47 25.83
C ILE D 138 26.57 23.44 27.17
N TYR D 139 26.41 24.51 27.94
CA TYR D 139 27.05 24.67 29.25
C TYR D 139 25.99 24.67 30.33
N GLN D 140 26.22 23.90 31.39
CA GLN D 140 25.28 23.77 32.49
C GLN D 140 25.85 24.39 33.76
N LYS D 141 24.98 24.99 34.55
CA LYS D 141 25.37 25.59 35.81
C LYS D 141 24.34 25.28 36.90
#